data_4TWA
#
_entry.id   4TWA
#
_cell.length_a   133.240
_cell.length_b   104.106
_cell.length_c   111.420
_cell.angle_alpha   90.00
_cell.angle_beta   92.30
_cell.angle_gamma   90.00
#
_symmetry.space_group_name_H-M   'C 1 2 1'
#
loop_
_entity.id
_entity.type
_entity.pdbx_description
1 polymer 'Proline--tRNA ligase'
2 non-polymer 'CHLORIDE ION'
3 non-polymer 'SULFATE ION'
4 water water
#
_entity_poly.entity_id   1
_entity_poly.type   'polypeptide(L)'
_entity_poly.pdbx_seq_one_letter_code
;GAMAITSKKIENFSDWYTQVIVKSELIEYYDISGCYILRPAAYYIWECVQAFFNKEIKKLNVENSYFPLFVTKNKLEKEK
NHIEGFSPEVAWVTKYGDSNLPEEIAIRPTSETIMYSVFPKWIRSYRDLPLKLNQWNTVVRWEFKQPTPFIRTREFLWQE
GHTAHKNEEEAVKLVFDILDLYRRWYEEYLAVPIIKGIKSEGEKFGGANFTSTAEAFISENGRAIQAATSHYLGTNFAKM
FKIEFEDENEVKQYVHQTSWGCTTRSIGIMIMTHGDDKGLVLPPNVSKYKVVIVPIFYKTTDENAIHSYCKDIEKILKNA
QINCVYDDRASYSPGYKFNHWELRGIPIRIEVGPKDLQNNSCVIVRRDNNEKCNVKKESVLLETQQMLVDIHKNLFLKAK
KKLDDSIVQVTSFSEVMNALNKKKMVLAPWCEDIATEEEIKKETQRLSLNQTNSETTLSGAMKPLCIPLDQPPMPPNMKC
FWSGKPAKRWCLFGRSY
;
_entity_poly.pdbx_strand_id   A,B
#
loop_
_chem_comp.id
_chem_comp.type
_chem_comp.name
_chem_comp.formula
CL non-polymer 'CHLORIDE ION' 'Cl -1'
SO4 non-polymer 'SULFATE ION' 'O4 S -2'
#
# COMPACT_ATOMS: atom_id res chain seq x y z
N MET A 3 -21.33 -14.55 -19.04
CA MET A 3 -20.62 -15.19 -20.14
C MET A 3 -20.54 -14.30 -21.39
N ALA A 4 -21.48 -13.36 -21.55
CA ALA A 4 -21.47 -12.45 -22.71
C ALA A 4 -21.96 -11.05 -22.37
N ILE A 5 -21.79 -10.13 -23.31
CA ILE A 5 -22.14 -8.72 -23.09
C ILE A 5 -23.29 -8.29 -23.99
N THR A 6 -24.39 -7.92 -23.35
CA THR A 6 -25.67 -7.78 -24.05
C THR A 6 -25.87 -6.40 -24.67
N SER A 7 -25.35 -5.36 -24.03
CA SER A 7 -25.51 -4.00 -24.53
C SER A 7 -24.30 -3.57 -25.36
N LYS A 8 -24.54 -2.90 -26.49
CA LYS A 8 -23.43 -2.42 -27.32
C LYS A 8 -22.93 -1.07 -26.82
N LYS A 9 -21.62 -0.96 -26.67
CA LYS A 9 -20.99 0.19 -26.00
C LYS A 9 -21.42 1.52 -26.59
N ILE A 10 -21.51 1.54 -27.91
CA ILE A 10 -21.72 2.77 -28.66
C ILE A 10 -23.20 3.17 -28.61
N GLU A 11 -24.06 2.26 -28.18
CA GLU A 11 -25.52 2.45 -28.22
C GLU A 11 -26.17 2.47 -26.83
N ASN A 12 -25.71 1.64 -25.92
CA ASN A 12 -26.16 1.69 -24.52
C ASN A 12 -24.96 1.69 -23.58
N PHE A 13 -24.32 2.85 -23.48
CA PHE A 13 -23.02 3.00 -22.85
C PHE A 13 -22.96 2.60 -21.38
N SER A 14 -23.95 3.05 -20.61
CA SER A 14 -23.94 2.85 -19.16
C SER A 14 -24.05 1.38 -18.82
N ASP A 15 -25.06 0.73 -19.40
CA ASP A 15 -25.24 -0.69 -19.14
C ASP A 15 -24.06 -1.46 -19.67
N TRP A 16 -23.51 -1.01 -20.80
CA TRP A 16 -22.28 -1.60 -21.33
C TRP A 16 -21.20 -1.62 -20.26
N TYR A 17 -20.91 -0.45 -19.70
CA TYR A 17 -19.89 -0.34 -18.65
C TYR A 17 -20.18 -1.28 -17.48
N THR A 18 -21.40 -1.23 -16.97
CA THR A 18 -21.84 -2.12 -15.90
C THR A 18 -21.52 -3.60 -16.19
N GLN A 19 -22.09 -4.08 -17.29
CA GLN A 19 -21.85 -5.44 -17.75
C GLN A 19 -20.36 -5.74 -17.80
N VAL A 20 -19.59 -4.89 -18.49
CA VAL A 20 -18.15 -5.15 -18.62
C VAL A 20 -17.48 -5.33 -17.27
N ILE A 21 -17.65 -4.37 -16.36
CA ILE A 21 -16.89 -4.47 -15.11
C ILE A 21 -17.36 -5.60 -14.21
N VAL A 22 -18.63 -6.00 -14.29
CA VAL A 22 -18.99 -7.10 -13.38
C VAL A 22 -18.66 -8.45 -14.03
N LYS A 23 -18.89 -8.56 -15.33
CA LYS A 23 -18.65 -9.81 -16.05
C LYS A 23 -17.20 -10.02 -16.47
N SER A 24 -16.28 -9.16 -16.03
CA SER A 24 -14.88 -9.37 -16.38
C SER A 24 -14.06 -9.71 -15.13
N GLU A 25 -14.76 -10.03 -14.05
CA GLU A 25 -14.14 -10.39 -12.78
C GLU A 25 -13.24 -9.26 -12.27
N LEU A 26 -13.63 -8.03 -12.57
CA LEU A 26 -12.88 -6.88 -12.06
C LEU A 26 -13.31 -6.53 -10.66
N ILE A 27 -14.62 -6.36 -10.49
CA ILE A 27 -15.17 -6.08 -9.17
C ILE A 27 -16.25 -7.09 -8.73
N GLU A 28 -16.60 -7.02 -7.45
CA GLU A 28 -17.71 -7.80 -6.89
C GLU A 28 -18.52 -6.98 -5.89
N TYR A 29 -19.83 -6.85 -6.09
CA TYR A 29 -20.64 -6.16 -5.11
C TYR A 29 -21.01 -7.01 -3.89
N TYR A 30 -20.72 -6.49 -2.71
CA TYR A 30 -21.32 -6.99 -1.47
C TYR A 30 -22.86 -6.93 -1.56
N ASP A 31 -23.53 -7.84 -0.86
CA ASP A 31 -25.00 -7.85 -0.83
C ASP A 31 -25.57 -6.59 -0.17
N ILE A 32 -24.75 -5.93 0.64
CA ILE A 32 -25.22 -4.77 1.40
C ILE A 32 -24.32 -3.55 1.11
N SER A 33 -24.88 -2.34 1.23
CA SER A 33 -24.14 -1.07 1.14
C SER A 33 -23.74 -0.67 -0.28
N GLY A 34 -23.96 -1.57 -1.23
CA GLY A 34 -23.69 -1.27 -2.63
C GLY A 34 -22.23 -0.99 -2.94
N CYS A 35 -21.34 -1.38 -2.03
CA CYS A 35 -19.91 -1.19 -2.23
C CYS A 35 -19.29 -2.41 -2.91
N TYR A 36 -18.15 -2.21 -3.58
CA TYR A 36 -17.53 -3.29 -4.32
C TYR A 36 -16.11 -3.67 -3.88
N ILE A 37 -15.86 -4.97 -3.93
CA ILE A 37 -14.54 -5.58 -3.83
C ILE A 37 -13.75 -5.40 -5.12
N LEU A 38 -12.56 -4.82 -4.99
CA LEU A 38 -11.59 -4.80 -6.08
C LEU A 38 -10.88 -6.14 -6.15
N ARG A 39 -11.36 -7.00 -7.05
CA ARG A 39 -10.78 -8.32 -7.23
C ARG A 39 -9.32 -8.19 -7.69
N PRO A 40 -8.53 -9.28 -7.61
CA PRO A 40 -7.12 -9.18 -8.02
C PRO A 40 -6.94 -8.51 -9.38
N ALA A 41 -7.83 -8.87 -10.31
CA ALA A 41 -7.83 -8.30 -11.65
C ALA A 41 -7.76 -6.77 -11.65
N ALA A 42 -8.51 -6.17 -10.75
CA ALA A 42 -8.63 -4.72 -10.71
C ALA A 42 -7.46 -4.12 -9.95
N TYR A 43 -7.23 -4.66 -8.76
CA TYR A 43 -6.17 -4.18 -7.89
C TYR A 43 -4.83 -4.16 -8.62
N TYR A 44 -4.50 -5.24 -9.33
CA TYR A 44 -3.24 -5.33 -10.05
C TYR A 44 -2.85 -4.03 -10.75
N ILE A 45 -3.83 -3.45 -11.45
CA ILE A 45 -3.62 -2.19 -12.16
C ILE A 45 -3.12 -1.11 -11.22
N TRP A 46 -3.88 -0.98 -10.13
CA TRP A 46 -3.55 -0.05 -9.08
C TRP A 46 -2.14 -0.29 -8.58
N GLU A 47 -1.75 -1.55 -8.42
CA GLU A 47 -0.42 -1.85 -7.92
C GLU A 47 0.61 -1.33 -8.89
N CYS A 48 0.30 -1.45 -10.18
CA CYS A 48 1.26 -1.05 -11.21
C CYS A 48 1.50 0.45 -11.20
N VAL A 49 0.41 1.19 -11.37
CA VAL A 49 0.54 2.63 -11.39
C VAL A 49 1.11 3.14 -10.05
N GLN A 50 0.72 2.49 -8.95
CA GLN A 50 1.23 2.83 -7.62
C GLN A 50 2.76 2.70 -7.57
N ALA A 51 3.27 1.54 -7.97
CA ALA A 51 4.71 1.33 -8.06
C ALA A 51 5.37 2.44 -8.89
N PHE A 52 4.81 2.70 -10.07
CA PHE A 52 5.39 3.71 -10.97
C PHE A 52 5.52 5.05 -10.29
N PHE A 53 4.40 5.53 -9.78
CA PHE A 53 4.37 6.78 -9.05
C PHE A 53 5.44 6.78 -7.95
N ASN A 54 5.40 5.79 -7.06
CA ASN A 54 6.34 5.72 -5.94
C ASN A 54 7.79 5.89 -6.38
N LYS A 55 8.20 5.08 -7.35
CA LYS A 55 9.53 5.22 -7.95
C LYS A 55 9.80 6.68 -8.36
N GLU A 56 8.91 7.22 -9.19
CA GLU A 56 9.17 8.51 -9.78
C GLU A 56 9.23 9.65 -8.75
N ILE A 57 8.37 9.61 -7.73
CA ILE A 57 8.39 10.66 -6.71
C ILE A 57 9.54 10.46 -5.73
N LYS A 58 10.03 9.23 -5.59
CA LYS A 58 11.25 9.01 -4.81
CA LYS A 58 11.24 9.03 -4.79
C LYS A 58 12.36 9.75 -5.52
N LYS A 59 12.37 9.64 -6.86
CA LYS A 59 13.34 10.44 -7.63
C LYS A 59 13.15 11.93 -7.34
N LEU A 60 11.95 12.31 -6.94
CA LEU A 60 11.69 13.72 -6.59
C LEU A 60 11.85 14.00 -5.10
N ASN A 61 12.51 13.10 -4.39
CA ASN A 61 12.70 13.28 -2.96
C ASN A 61 11.39 13.49 -2.18
N VAL A 62 10.29 13.01 -2.74
CA VAL A 62 9.06 12.91 -1.97
C VAL A 62 9.19 11.73 -1.02
N GLU A 63 8.80 11.95 0.24
CA GLU A 63 8.83 10.88 1.23
C GLU A 63 7.43 10.42 1.65
N ASN A 64 7.08 9.18 1.32
CA ASN A 64 5.84 8.55 1.79
C ASN A 64 5.65 8.59 3.31
N SER A 65 4.39 8.65 3.73
CA SER A 65 4.03 8.77 5.14
C SER A 65 2.56 8.39 5.34
N TYR A 66 2.04 8.62 6.54
CA TYR A 66 0.59 8.53 6.77
C TYR A 66 0.07 9.40 7.92
N PHE A 67 -0.68 10.42 7.54
CA PHE A 67 -1.39 11.22 8.52
C PHE A 67 -2.84 10.79 8.47
N PRO A 68 -3.45 10.53 9.63
CA PRO A 68 -4.85 10.10 9.68
C PRO A 68 -5.80 11.06 8.93
N LEU A 69 -6.64 10.47 8.09
CA LEU A 69 -7.62 11.23 7.33
C LEU A 69 -8.72 11.80 8.23
N PHE A 70 -9.18 13.01 7.91
CA PHE A 70 -10.34 13.58 8.58
C PHE A 70 -11.39 14.01 7.53
N VAL A 71 -12.65 13.71 7.81
CA VAL A 71 -13.77 14.31 7.09
C VAL A 71 -14.79 14.70 8.15
N THR A 72 -15.60 15.71 7.87
CA THR A 72 -16.64 16.11 8.82
C THR A 72 -17.59 14.93 9.07
N LYS A 73 -18.07 14.81 10.31
CA LYS A 73 -18.91 13.70 10.73
C LYS A 73 -20.09 13.46 9.80
N ASN A 74 -20.65 14.56 9.29
CA ASN A 74 -21.85 14.52 8.47
C ASN A 74 -21.76 13.62 7.24
N LYS A 75 -20.55 13.40 6.73
CA LYS A 75 -20.42 12.63 5.49
C LYS A 75 -20.46 11.14 5.78
N LEU A 76 -20.41 10.77 7.06
CA LEU A 76 -20.35 9.37 7.42
C LEU A 76 -21.61 8.84 8.07
N GLU A 77 -22.67 9.63 8.06
CA GLU A 77 -23.86 9.28 8.82
C GLU A 77 -24.59 8.08 8.19
N LYS A 78 -24.54 8.00 6.85
CA LYS A 78 -25.29 6.95 6.14
C LYS A 78 -24.85 5.53 6.50
N GLU A 79 -23.57 5.35 6.82
CA GLU A 79 -23.13 4.07 7.37
C GLU A 79 -23.51 3.96 8.86
N LYS A 80 -23.32 5.05 9.60
CA LYS A 80 -23.62 5.09 11.02
C LYS A 80 -25.04 4.63 11.34
N ASN A 81 -25.98 4.96 10.45
CA ASN A 81 -27.36 4.53 10.62
C ASN A 81 -27.60 3.12 10.09
N HIS A 82 -26.87 2.74 9.05
CA HIS A 82 -27.18 1.51 8.33
C HIS A 82 -26.48 0.26 8.89
N ILE A 83 -25.22 0.40 9.30
CA ILE A 83 -24.45 -0.76 9.74
C ILE A 83 -23.62 -0.48 10.98
N GLU A 84 -23.67 0.76 11.47
CA GLU A 84 -23.00 1.15 12.71
C GLU A 84 -21.49 0.95 12.64
N GLY A 85 -20.95 0.95 11.43
CA GLY A 85 -19.53 0.84 11.20
C GLY A 85 -19.04 1.84 10.15
N PHE A 86 -17.75 2.16 10.20
CA PHE A 86 -17.17 3.17 9.32
C PHE A 86 -15.95 2.63 8.58
N SER A 87 -15.57 3.27 7.48
CA SER A 87 -14.30 2.91 6.85
C SER A 87 -13.16 3.17 7.84
N PRO A 88 -12.31 2.15 8.05
CA PRO A 88 -11.26 2.09 9.07
C PRO A 88 -10.30 3.28 9.09
N GLU A 89 -10.08 3.89 7.92
CA GLU A 89 -9.10 4.96 7.81
C GLU A 89 -9.64 6.27 8.40
N VAL A 90 -10.96 6.36 8.56
CA VAL A 90 -11.62 7.53 9.15
C VAL A 90 -12.61 7.18 10.27
N ALA A 91 -12.39 6.06 10.96
CA ALA A 91 -13.31 5.62 12.00
C ALA A 91 -13.23 6.48 13.27
N TRP A 92 -12.15 7.23 13.42
CA TRP A 92 -11.90 8.02 14.63
C TRP A 92 -12.69 9.34 14.64
N VAL A 93 -13.12 9.79 13.46
CA VAL A 93 -13.69 11.13 13.29
C VAL A 93 -15.12 11.29 13.82
N THR A 94 -15.71 10.18 14.26
CA THR A 94 -17.04 10.22 14.82
C THR A 94 -16.95 10.54 16.29
N LYS A 95 -16.09 9.80 17.00
CA LYS A 95 -15.86 10.05 18.41
C LYS A 95 -15.15 11.41 18.62
N TYR A 96 -14.80 12.04 17.51
CA TYR A 96 -14.22 13.37 17.53
C TYR A 96 -15.22 14.39 18.06
N GLY A 97 -16.49 14.24 17.68
CA GLY A 97 -17.49 15.26 17.92
C GLY A 97 -17.35 16.47 17.01
N ASP A 98 -17.27 17.66 17.58
CA ASP A 98 -17.37 18.89 16.80
C ASP A 98 -16.28 19.01 15.74
N SER A 99 -16.69 19.45 14.55
CA SER A 99 -15.80 19.59 13.40
C SER A 99 -14.83 20.75 13.56
N ASN A 100 -13.67 20.64 12.93
CA ASN A 100 -12.65 21.67 12.98
C ASN A 100 -11.39 21.37 12.19
N LEU A 101 -10.79 22.37 11.51
CA LEU A 101 -11.18 23.79 11.60
C LEU A 101 -12.00 24.43 10.42
N PRO A 102 -11.43 24.55 9.18
CA PRO A 102 -12.25 25.20 8.13
C PRO A 102 -13.12 24.26 7.30
N GLU A 103 -14.34 24.68 6.96
CA GLU A 103 -15.29 23.76 6.37
C GLU A 103 -14.86 23.35 4.96
N GLU A 104 -14.05 24.20 4.33
CA GLU A 104 -13.71 24.00 2.93
C GLU A 104 -12.85 22.75 2.72
N ILE A 105 -12.28 22.23 3.80
CA ILE A 105 -11.43 21.03 3.72
C ILE A 105 -12.06 19.84 4.44
N ALA A 106 -12.91 20.11 5.42
CA ALA A 106 -13.57 19.07 6.18
C ALA A 106 -14.58 18.30 5.33
N ILE A 107 -15.03 18.91 4.23
CA ILE A 107 -16.00 18.28 3.33
C ILE A 107 -15.42 17.01 2.69
N ARG A 108 -14.11 16.94 2.59
CA ARG A 108 -13.46 15.88 1.88
C ARG A 108 -12.44 15.20 2.78
N PRO A 109 -12.37 13.86 2.74
CA PRO A 109 -11.40 13.13 3.58
C PRO A 109 -9.97 13.51 3.20
N THR A 110 -9.22 14.02 4.17
CA THR A 110 -7.82 14.43 4.00
C THR A 110 -7.11 14.54 5.31
N SER A 111 -5.79 14.50 5.19
CA SER A 111 -4.92 14.73 6.32
C SER A 111 -4.49 16.20 6.40
N GLU A 112 -4.97 17.02 5.46
CA GLU A 112 -4.62 18.44 5.39
C GLU A 112 -4.95 19.13 6.71
N THR A 113 -6.14 18.85 7.22
CA THR A 113 -6.54 19.39 8.52
C THR A 113 -5.50 19.09 9.61
N ILE A 114 -5.03 17.85 9.66
CA ILE A 114 -4.01 17.46 10.64
C ILE A 114 -2.63 18.03 10.28
N MET A 115 -2.22 17.76 9.04
CA MET A 115 -0.91 18.16 8.54
C MET A 115 -0.64 19.61 8.83
N TYR A 116 -1.49 20.47 8.30
CA TYR A 116 -1.30 21.88 8.40
C TYR A 116 -1.22 22.28 9.88
N SER A 117 -1.91 21.51 10.71
CA SER A 117 -1.93 21.79 12.12
C SER A 117 -0.57 21.55 12.72
N VAL A 118 0.11 20.47 12.32
CA VAL A 118 1.43 20.19 12.95
C VAL A 118 2.63 20.78 12.23
N PHE A 119 2.41 21.27 11.01
CA PHE A 119 3.49 21.78 10.20
C PHE A 119 4.34 22.90 10.80
N PRO A 120 3.71 23.86 11.52
CA PRO A 120 4.59 24.95 11.99
C PRO A 120 5.63 24.46 13.00
N LYS A 121 5.38 23.32 13.63
CA LYS A 121 6.34 22.76 14.57
C LYS A 121 7.43 21.97 13.83
N TRP A 122 7.17 21.56 12.60
CA TRP A 122 8.18 20.85 11.81
C TRP A 122 9.05 21.77 10.98
N ILE A 123 8.51 22.93 10.60
CA ILE A 123 9.22 23.91 9.79
C ILE A 123 9.53 25.14 10.63
N ARG A 124 10.78 25.29 11.03
CA ARG A 124 11.21 26.45 11.79
C ARG A 124 12.31 27.20 11.03
N SER A 125 13.19 26.45 10.36
CA SER A 125 14.25 27.04 9.55
C SER A 125 14.07 26.82 8.04
N TYR A 126 14.86 27.55 7.24
CA TYR A 126 14.93 27.25 5.81
C TYR A 126 15.59 25.89 5.58
N ARG A 127 16.29 25.40 6.58
CA ARG A 127 16.98 24.12 6.45
C ARG A 127 15.95 23.01 6.43
N ASP A 128 14.76 23.31 6.96
CA ASP A 128 13.68 22.33 7.03
C ASP A 128 12.94 22.20 5.68
N LEU A 129 13.24 23.09 4.74
CA LEU A 129 12.57 23.09 3.44
C LEU A 129 13.54 22.61 2.36
N PRO A 130 13.01 22.04 1.25
CA PRO A 130 11.59 21.76 1.02
C PRO A 130 11.12 20.55 1.81
N LEU A 131 9.83 20.50 2.10
CA LEU A 131 9.22 19.37 2.78
C LEU A 131 8.25 18.70 1.83
N LYS A 132 8.44 17.41 1.60
CA LYS A 132 7.72 16.72 0.56
C LYS A 132 7.18 15.39 1.06
N LEU A 133 5.85 15.32 1.14
CA LEU A 133 5.20 14.15 1.66
C LEU A 133 4.22 13.56 0.65
N ASN A 134 4.01 12.26 0.80
CA ASN A 134 2.99 11.56 0.05
C ASN A 134 2.32 10.53 0.95
N GLN A 135 1.09 10.15 0.61
CA GLN A 135 0.51 8.98 1.25
C GLN A 135 -0.56 8.35 0.40
N TRP A 136 -0.76 7.05 0.62
CA TRP A 136 -1.78 6.29 -0.08
C TRP A 136 -3.00 6.06 0.82
N ASN A 137 -4.19 6.26 0.26
CA ASN A 137 -5.42 6.28 1.01
C ASN A 137 -6.47 5.36 0.40
N THR A 138 -7.37 4.92 1.26
CA THR A 138 -8.52 4.13 0.85
C THR A 138 -9.67 4.63 1.66
N VAL A 139 -10.79 4.88 1.02
CA VAL A 139 -11.96 5.25 1.78
C VAL A 139 -13.17 4.70 1.09
N VAL A 140 -14.14 4.33 1.89
CA VAL A 140 -15.41 3.80 1.41
C VAL A 140 -16.56 4.35 2.22
N ARG A 141 -17.53 4.92 1.53
CA ARG A 141 -18.74 5.33 2.22
C ARG A 141 -19.94 4.62 1.61
N TRP A 142 -21.08 4.74 2.28
CA TRP A 142 -22.32 4.14 1.81
C TRP A 142 -22.59 4.62 0.39
N GLU A 143 -22.56 3.67 -0.54
CA GLU A 143 -22.58 3.99 -1.96
C GLU A 143 -23.75 4.85 -2.39
N PHE A 144 -23.54 5.67 -3.42
CA PHE A 144 -24.61 6.44 -4.06
C PHE A 144 -25.81 5.57 -4.39
N LYS A 145 -26.97 6.22 -4.54
CA LYS A 145 -28.19 5.52 -4.92
C LYS A 145 -28.05 5.03 -6.36
N GLN A 146 -27.63 5.92 -7.25
CA GLN A 146 -27.39 5.56 -8.65
C GLN A 146 -25.93 5.82 -9.02
N PRO A 147 -25.05 4.79 -8.82
CA PRO A 147 -23.61 4.98 -8.85
C PRO A 147 -22.92 4.44 -10.10
N THR A 148 -21.70 4.91 -10.32
CA THR A 148 -20.83 4.42 -11.38
C THR A 148 -19.43 4.12 -10.84
N PRO A 149 -19.11 2.83 -10.67
CA PRO A 149 -17.86 2.40 -10.03
C PRO A 149 -16.66 3.04 -10.67
N PHE A 150 -15.64 3.34 -9.86
CA PHE A 150 -14.48 4.13 -10.27
C PHE A 150 -14.98 5.55 -10.49
N ILE A 151 -15.96 5.75 -11.40
CA ILE A 151 -16.34 7.10 -11.81
C ILE A 151 -17.23 8.01 -10.97
N ARG A 152 -18.48 7.62 -10.76
CA ARG A 152 -19.31 8.32 -9.75
C ARG A 152 -19.60 7.38 -8.59
N THR A 153 -18.80 7.52 -7.53
CA THR A 153 -18.82 6.58 -6.42
C THR A 153 -18.24 7.20 -5.16
N ARG A 154 -18.63 6.67 -4.00
CA ARG A 154 -18.13 7.16 -2.72
C ARG A 154 -16.96 6.32 -2.22
N GLU A 155 -16.64 5.27 -2.96
CA GLU A 155 -15.53 4.38 -2.61
C GLU A 155 -14.30 4.73 -3.45
N PHE A 156 -13.18 5.01 -2.79
CA PHE A 156 -11.98 5.44 -3.48
C PHE A 156 -10.68 4.87 -2.90
N LEU A 157 -9.72 4.65 -3.79
CA LEU A 157 -8.36 4.27 -3.42
C LEU A 157 -7.44 5.20 -4.19
N TRP A 158 -6.75 6.10 -3.48
CA TRP A 158 -6.03 7.17 -4.16
C TRP A 158 -4.74 7.54 -3.47
N GLN A 159 -4.08 8.57 -3.99
CA GLN A 159 -2.85 9.07 -3.43
C GLN A 159 -2.95 10.57 -3.22
N GLU A 160 -2.35 11.09 -2.16
CA GLU A 160 -2.31 12.54 -2.02
C GLU A 160 -0.94 12.99 -1.54
N GLY A 161 -0.41 13.99 -2.23
CA GLY A 161 0.89 14.54 -1.92
C GLY A 161 0.74 15.97 -1.47
N HIS A 162 1.66 16.40 -0.62
CA HIS A 162 1.68 17.75 -0.08
C HIS A 162 3.14 18.20 0.05
N THR A 163 3.41 19.45 -0.31
CA THR A 163 4.73 20.00 -0.16
C THR A 163 4.72 21.44 0.30
N ALA A 164 5.85 21.82 0.88
CA ALA A 164 6.07 23.17 1.34
C ALA A 164 7.47 23.58 0.90
N HIS A 165 7.60 24.82 0.45
CA HIS A 165 8.82 25.31 -0.18
C HIS A 165 9.21 26.69 0.32
N LYS A 166 10.45 27.08 0.08
CA LYS A 166 10.91 28.43 0.39
C LYS A 166 10.43 29.43 -0.69
N ASN A 167 10.36 28.96 -1.94
CA ASN A 167 9.94 29.79 -3.07
C ASN A 167 8.59 29.44 -3.62
N GLU A 168 8.18 30.27 -4.58
CA GLU A 168 7.04 29.98 -5.41
C GLU A 168 7.52 29.30 -6.69
N GLU A 169 8.67 29.73 -7.19
CA GLU A 169 9.32 29.07 -8.33
C GLU A 169 9.49 27.54 -8.10
N GLU A 170 10.12 27.19 -6.97
CA GLU A 170 10.31 25.82 -6.49
C GLU A 170 8.97 25.03 -6.53
N ALA A 171 7.98 25.57 -5.80
CA ALA A 171 6.68 24.95 -5.66
C ALA A 171 5.95 24.73 -6.97
N VAL A 172 5.99 25.72 -7.85
CA VAL A 172 5.24 25.65 -9.11
C VAL A 172 5.89 24.68 -10.09
N LYS A 173 7.21 24.76 -10.17
CA LYS A 173 7.99 23.77 -10.91
C LYS A 173 7.55 22.39 -10.46
N LEU A 174 7.52 22.20 -9.14
CA LEU A 174 7.18 20.89 -8.60
C LEU A 174 5.79 20.46 -9.02
N VAL A 175 4.87 21.41 -8.94
CA VAL A 175 3.48 21.17 -9.31
C VAL A 175 3.40 20.59 -10.70
N PHE A 176 4.05 21.25 -11.66
CA PHE A 176 3.98 20.77 -13.04
C PHE A 176 4.79 19.49 -13.29
N ASP A 177 5.85 19.28 -12.51
CA ASP A 177 6.57 18.01 -12.58
C ASP A 177 5.62 16.87 -12.25
N ILE A 178 4.94 17.01 -11.13
CA ILE A 178 3.94 16.05 -10.71
C ILE A 178 2.90 15.87 -11.81
N LEU A 179 2.40 16.99 -12.34
CA LEU A 179 1.39 16.89 -13.38
C LEU A 179 1.88 16.01 -14.55
N ASP A 180 3.13 16.19 -14.96
CA ASP A 180 3.62 15.38 -16.06
C ASP A 180 3.78 13.93 -15.62
N LEU A 181 4.02 13.70 -14.34
CA LEU A 181 4.00 12.32 -13.84
C LEU A 181 2.62 11.71 -13.99
N TYR A 182 1.59 12.49 -13.74
CA TYR A 182 0.23 12.00 -13.91
C TYR A 182 -0.01 11.69 -15.38
N ARG A 183 0.53 12.54 -16.25
CA ARG A 183 0.40 12.27 -17.67
C ARG A 183 1.05 10.91 -18.01
N ARG A 184 2.29 10.71 -17.58
CA ARG A 184 2.99 9.44 -17.82
C ARG A 184 2.24 8.26 -17.22
N TRP A 185 1.70 8.47 -16.04
CA TRP A 185 0.78 7.56 -15.37
C TRP A 185 -0.26 7.07 -16.32
N TYR A 186 -0.93 8.01 -16.98
CA TYR A 186 -2.04 7.61 -17.84
C TYR A 186 -1.59 7.01 -19.16
N GLU A 187 -0.51 7.54 -19.72
CA GLU A 187 -0.10 7.12 -21.05
CA GLU A 187 -0.02 7.12 -21.05
C GLU A 187 0.77 5.84 -21.03
N GLU A 188 1.90 5.86 -20.33
CA GLU A 188 2.76 4.69 -20.29
C GLU A 188 2.11 3.47 -19.65
N TYR A 189 1.00 3.66 -18.94
CA TYR A 189 0.45 2.55 -18.17
C TYR A 189 -0.99 2.24 -18.48
N LEU A 190 -1.81 3.25 -18.72
CA LEU A 190 -3.23 2.99 -18.98
C LEU A 190 -3.49 3.25 -20.45
N ALA A 191 -2.42 3.57 -21.17
CA ALA A 191 -2.47 3.99 -22.57
C ALA A 191 -3.63 4.96 -22.79
N VAL A 192 -3.73 5.94 -21.89
CA VAL A 192 -4.79 6.94 -21.95
C VAL A 192 -4.26 8.35 -22.20
N PRO A 193 -4.77 9.02 -23.23
CA PRO A 193 -4.24 10.36 -23.47
C PRO A 193 -4.98 11.41 -22.66
N ILE A 194 -4.28 12.46 -22.23
CA ILE A 194 -4.92 13.55 -21.51
C ILE A 194 -4.40 14.90 -21.96
N ILE A 195 -5.21 15.94 -21.77
CA ILE A 195 -4.75 17.32 -21.98
C ILE A 195 -4.33 18.01 -20.67
N LYS A 196 -3.09 18.50 -20.61
CA LYS A 196 -2.67 19.29 -19.45
C LYS A 196 -3.27 20.69 -19.53
N GLY A 197 -3.80 21.18 -18.41
CA GLY A 197 -4.42 22.50 -18.43
C GLY A 197 -4.52 23.16 -17.07
N ILE A 198 -4.89 24.44 -17.03
CA ILE A 198 -5.15 25.15 -15.79
C ILE A 198 -6.66 25.35 -15.64
N LYS A 199 -7.18 25.24 -14.42
CA LYS A 199 -8.63 25.38 -14.23
C LYS A 199 -9.15 26.82 -14.22
N SER A 200 -10.38 27.01 -14.67
CA SER A 200 -11.04 28.30 -14.56
C SER A 200 -11.09 28.74 -13.10
N GLU A 201 -11.16 30.04 -12.87
CA GLU A 201 -11.11 30.54 -11.50
C GLU A 201 -12.31 30.05 -10.68
N GLY A 202 -13.39 29.73 -11.37
CA GLY A 202 -14.59 29.28 -10.68
C GLY A 202 -14.54 27.80 -10.41
N GLU A 203 -13.83 27.06 -11.27
CA GLU A 203 -13.71 25.60 -11.17
C GLU A 203 -12.48 25.12 -10.41
N LYS A 204 -11.53 26.01 -10.17
CA LYS A 204 -10.36 25.69 -9.34
C LYS A 204 -10.74 25.46 -7.88
N PHE A 205 -9.81 24.85 -7.15
CA PHE A 205 -9.94 24.67 -5.71
C PHE A 205 -9.86 26.03 -5.00
N GLY A 206 -10.70 26.22 -3.99
CA GLY A 206 -10.77 27.52 -3.35
C GLY A 206 -9.53 27.91 -2.55
N GLY A 207 -8.89 26.93 -1.93
CA GLY A 207 -7.71 27.20 -1.12
C GLY A 207 -6.49 27.33 -2.00
N ALA A 208 -6.71 27.18 -3.30
CA ALA A 208 -5.60 27.15 -4.23
C ALA A 208 -5.32 28.52 -4.82
N ASN A 209 -4.04 28.77 -5.10
CA ASN A 209 -3.65 29.87 -5.97
C ASN A 209 -4.18 29.60 -7.38
N PHE A 210 -3.69 28.51 -7.97
CA PHE A 210 -4.30 27.95 -9.17
C PHE A 210 -4.33 26.43 -9.08
N THR A 211 -5.13 25.82 -9.94
CA THR A 211 -5.24 24.36 -9.99
C THR A 211 -4.94 23.85 -11.39
N SER A 212 -3.88 23.05 -11.52
CA SER A 212 -3.57 22.38 -12.80
C SER A 212 -4.20 21.00 -12.84
N THR A 213 -4.80 20.68 -13.98
CA THR A 213 -5.48 19.43 -14.13
C THR A 213 -5.04 18.65 -15.38
N ALA A 214 -5.24 17.34 -15.32
CA ALA A 214 -5.10 16.49 -16.49
C ALA A 214 -6.50 16.10 -16.95
N GLU A 215 -6.93 16.54 -18.13
CA GLU A 215 -8.30 16.27 -18.56
C GLU A 215 -8.40 15.08 -19.52
N ALA A 216 -9.36 14.19 -19.26
CA ALA A 216 -9.58 13.06 -20.16
C ALA A 216 -10.97 13.16 -20.74
N PHE A 217 -11.21 12.45 -21.85
CA PHE A 217 -12.47 12.58 -22.56
C PHE A 217 -13.08 11.26 -23.02
N ILE A 218 -14.33 11.04 -22.62
CA ILE A 218 -15.06 9.85 -23.04
C ILE A 218 -15.93 10.12 -24.27
N SER A 219 -15.52 9.53 -25.41
CA SER A 219 -16.17 9.79 -26.70
C SER A 219 -17.58 9.26 -26.82
N GLU A 220 -17.81 8.06 -26.31
CA GLU A 220 -19.13 7.47 -26.36
C GLU A 220 -20.10 8.23 -25.46
N ASN A 221 -19.61 9.05 -24.54
CA ASN A 221 -20.58 9.71 -23.71
C ASN A 221 -20.61 11.13 -24.23
N GLY A 222 -19.52 11.53 -24.90
CA GLY A 222 -19.25 12.94 -25.18
C GLY A 222 -19.05 13.68 -23.88
N ARG A 223 -18.35 13.08 -22.93
CA ARG A 223 -18.15 13.72 -21.63
C ARG A 223 -16.71 13.69 -21.14
N ALA A 224 -16.20 14.86 -20.76
CA ALA A 224 -14.88 14.97 -20.15
C ALA A 224 -14.92 14.61 -18.66
N ILE A 225 -13.76 14.26 -18.13
CA ILE A 225 -13.64 13.85 -16.75
C ILE A 225 -12.22 14.14 -16.30
N GLN A 226 -12.11 14.71 -15.10
CA GLN A 226 -10.82 15.07 -14.50
C GLN A 226 -10.02 13.84 -14.12
N ALA A 227 -8.81 13.75 -14.64
CA ALA A 227 -7.97 12.58 -14.48
C ALA A 227 -7.06 12.70 -13.28
N ALA A 228 -6.57 13.91 -13.02
CA ALA A 228 -5.66 14.16 -11.91
C ALA A 228 -5.56 15.64 -11.67
N THR A 229 -5.07 16.05 -10.50
CA THR A 229 -4.92 17.47 -10.16
C THR A 229 -3.67 17.77 -9.39
N SER A 230 -3.09 18.92 -9.68
CA SER A 230 -1.92 19.40 -8.94
C SER A 230 -2.22 20.85 -8.60
N HIS A 231 -2.23 21.18 -7.31
CA HIS A 231 -2.58 22.52 -6.88
C HIS A 231 -1.35 23.30 -6.46
N TYR A 232 -1.23 24.53 -6.98
CA TYR A 232 -0.32 25.45 -6.33
C TYR A 232 -1.13 26.22 -5.28
N LEU A 233 -0.82 26.00 -4.01
CA LEU A 233 -1.62 26.55 -2.93
C LEU A 233 -1.12 27.90 -2.47
N GLY A 234 0.14 28.21 -2.79
CA GLY A 234 0.66 29.53 -2.48
C GLY A 234 0.95 29.70 -0.99
N THR A 235 0.61 30.85 -0.43
CA THR A 235 0.82 31.06 1.01
C THR A 235 -0.49 31.09 1.77
N ASN A 236 -1.56 30.71 1.08
CA ASN A 236 -2.87 30.72 1.67
C ASN A 236 -2.89 30.02 3.03
N PHE A 237 -2.53 28.74 3.03
CA PHE A 237 -2.57 27.97 4.26
C PHE A 237 -1.40 28.25 5.19
N ALA A 238 -0.30 28.79 4.65
CA ALA A 238 0.80 29.27 5.50
C ALA A 238 0.27 30.37 6.40
N LYS A 239 -0.24 31.41 5.75
CA LYS A 239 -0.94 32.51 6.45
C LYS A 239 -2.04 32.01 7.40
N MET A 240 -2.80 31.01 6.94
CA MET A 240 -3.92 30.49 7.70
C MET A 240 -3.50 29.74 8.96
N PHE A 241 -2.36 29.06 8.88
CA PHE A 241 -1.93 28.15 9.94
C PHE A 241 -0.61 28.59 10.55
N LYS A 242 -0.16 29.78 10.16
CA LYS A 242 1.09 30.35 10.69
C LYS A 242 2.24 29.38 10.46
N ILE A 243 2.32 28.90 9.23
CA ILE A 243 3.40 28.02 8.83
C ILE A 243 4.47 28.91 8.24
N GLU A 244 5.32 29.47 9.10
CA GLU A 244 6.46 30.21 8.60
C GLU A 244 7.78 29.58 9.04
N PHE A 245 8.83 30.00 8.33
CA PHE A 245 10.18 29.53 8.55
C PHE A 245 11.07 30.76 8.62
N GLU A 246 12.29 30.61 9.10
CA GLU A 246 13.22 31.73 9.13
C GLU A 246 14.22 31.57 8.00
N ASP A 247 14.29 32.58 7.14
CA ASP A 247 15.04 32.49 5.89
C ASP A 247 16.55 32.51 6.12
N GLU A 248 17.31 32.59 5.03
CA GLU A 248 18.76 32.54 5.17
C GLU A 248 19.31 33.80 5.81
N ASN A 249 18.63 34.92 5.59
CA ASN A 249 19.00 36.18 6.22
C ASN A 249 18.41 36.26 7.62
N GLU A 250 17.75 35.18 8.03
CA GLU A 250 17.10 35.09 9.35
C GLU A 250 16.00 36.13 9.56
N VAL A 251 14.96 36.08 8.73
CA VAL A 251 13.72 36.85 8.93
C VAL A 251 12.53 35.99 8.47
N LYS A 252 11.49 35.94 9.29
CA LYS A 252 10.44 34.95 9.12
C LYS A 252 9.56 35.21 7.90
N GLN A 253 9.30 34.14 7.17
CA GLN A 253 8.63 34.17 5.89
C GLN A 253 7.70 32.96 5.72
N TYR A 254 6.67 33.10 4.89
CA TYR A 254 5.67 32.05 4.71
C TYR A 254 6.07 31.00 3.66
N VAL A 255 5.94 29.71 3.99
CA VAL A 255 6.20 28.64 3.02
C VAL A 255 5.21 28.71 1.87
N HIS A 256 5.62 28.16 0.73
CA HIS A 256 4.75 28.07 -0.43
C HIS A 256 4.36 26.61 -0.65
N GLN A 257 3.07 26.33 -0.62
CA GLN A 257 2.63 24.94 -0.64
C GLN A 257 1.94 24.51 -1.91
N THR A 258 2.02 23.18 -2.12
CA THR A 258 1.33 22.47 -3.18
C THR A 258 0.69 21.18 -2.70
N SER A 259 -0.45 20.82 -3.29
CA SER A 259 -1.06 19.51 -3.08
C SER A 259 -1.31 18.86 -4.44
N TRP A 260 -1.28 17.54 -4.49
CA TRP A 260 -1.69 16.86 -5.71
C TRP A 260 -2.31 15.49 -5.40
N GLY A 261 -3.14 14.99 -6.31
CA GLY A 261 -3.73 13.66 -6.14
C GLY A 261 -4.35 13.03 -7.38
N CYS A 262 -4.14 11.73 -7.51
CA CYS A 262 -4.77 10.94 -8.56
C CYS A 262 -5.46 9.73 -7.93
N THR A 263 -6.50 9.20 -8.59
CA THR A 263 -7.41 8.22 -7.96
C THR A 263 -7.71 6.99 -8.83
N THR A 264 -8.25 5.95 -8.20
CA THR A 264 -8.77 4.78 -8.92
C THR A 264 -9.69 5.17 -10.07
N ARG A 265 -10.16 6.41 -10.06
CA ARG A 265 -10.90 6.91 -11.19
C ARG A 265 -10.19 6.53 -12.51
N SER A 266 -8.86 6.70 -12.51
CA SER A 266 -8.04 6.39 -13.68
C SER A 266 -8.41 5.03 -14.30
N ILE A 267 -8.53 4.03 -13.44
CA ILE A 267 -8.92 2.69 -13.86
C ILE A 267 -10.15 2.75 -14.72
N GLY A 268 -11.23 3.25 -14.12
CA GLY A 268 -12.50 3.40 -14.81
C GLY A 268 -12.29 4.11 -16.14
N ILE A 269 -11.51 5.19 -16.12
CA ILE A 269 -11.29 5.97 -17.33
C ILE A 269 -10.65 5.07 -18.40
N MET A 270 -9.60 4.35 -18.00
CA MET A 270 -8.97 3.40 -18.90
C MET A 270 -10.03 2.48 -19.49
N ILE A 271 -10.86 1.93 -18.60
CA ILE A 271 -11.84 0.95 -19.02
C ILE A 271 -12.75 1.56 -20.05
N MET A 272 -13.09 2.83 -19.84
CA MET A 272 -14.04 3.47 -20.73
C MET A 272 -13.38 3.81 -22.07
N THR A 273 -12.07 3.97 -22.03
CA THR A 273 -11.30 4.36 -23.19
C THR A 273 -11.18 3.18 -24.18
N HIS A 274 -10.88 1.99 -23.66
CA HIS A 274 -10.44 0.92 -24.55
C HIS A 274 -11.45 -0.20 -24.77
N GLY A 275 -12.54 -0.18 -24.01
CA GLY A 275 -13.52 -1.25 -24.04
C GLY A 275 -14.20 -1.58 -25.36
N ASP A 276 -14.34 -2.89 -25.59
CA ASP A 276 -15.01 -3.44 -26.75
C ASP A 276 -16.46 -3.71 -26.45
N ASP A 277 -17.20 -4.10 -27.48
CA ASP A 277 -18.45 -4.79 -27.24
C ASP A 277 -18.12 -6.22 -26.79
N LYS A 278 -16.93 -6.70 -27.17
CA LYS A 278 -16.43 -8.00 -26.72
C LYS A 278 -16.16 -8.01 -25.21
N GLY A 279 -15.91 -6.83 -24.66
CA GLY A 279 -15.60 -6.71 -23.25
C GLY A 279 -14.36 -5.89 -22.92
N LEU A 280 -13.65 -6.38 -21.91
CA LEU A 280 -12.50 -5.68 -21.39
C LEU A 280 -11.32 -5.70 -22.36
N VAL A 281 -10.62 -4.57 -22.44
CA VAL A 281 -9.35 -4.50 -23.15
C VAL A 281 -8.33 -3.85 -22.23
N LEU A 282 -7.44 -4.64 -21.64
CA LEU A 282 -6.36 -4.08 -20.83
C LEU A 282 -5.13 -3.83 -21.71
N PRO A 283 -4.49 -2.66 -21.55
CA PRO A 283 -3.14 -2.54 -22.08
C PRO A 283 -2.26 -3.47 -21.27
N PRO A 284 -1.28 -4.12 -21.91
CA PRO A 284 -0.52 -5.21 -21.27
C PRO A 284 0.11 -4.87 -19.91
N ASN A 285 0.69 -3.68 -19.73
CA ASN A 285 1.34 -3.32 -18.46
C ASN A 285 0.47 -3.52 -17.22
N VAL A 286 -0.84 -3.43 -17.41
CA VAL A 286 -1.77 -3.54 -16.32
C VAL A 286 -2.64 -4.78 -16.46
N SER A 287 -2.10 -5.79 -17.13
CA SER A 287 -2.79 -7.07 -17.24
C SER A 287 -1.98 -8.19 -16.63
N LYS A 288 -2.57 -8.89 -15.66
CA LYS A 288 -1.85 -9.94 -14.93
C LYS A 288 -1.32 -11.02 -15.89
N TYR A 289 -2.19 -11.61 -16.70
CA TYR A 289 -1.70 -12.50 -17.76
C TYR A 289 -1.62 -11.73 -19.09
N LYS A 290 -0.48 -11.83 -19.77
CA LYS A 290 -0.31 -11.17 -21.07
C LYS A 290 -0.80 -12.09 -22.18
N VAL A 291 -0.74 -13.39 -21.92
CA VAL A 291 -1.10 -14.40 -22.90
C VAL A 291 -1.97 -15.53 -22.33
N VAL A 292 -3.02 -15.89 -23.07
CA VAL A 292 -3.73 -17.12 -22.78
C VAL A 292 -3.49 -18.13 -23.93
N ILE A 293 -3.34 -19.39 -23.55
CA ILE A 293 -3.02 -20.45 -24.49
C ILE A 293 -4.17 -21.42 -24.62
N VAL A 294 -4.69 -21.54 -25.84
CA VAL A 294 -5.88 -22.33 -26.10
C VAL A 294 -5.61 -23.47 -27.10
N PRO A 295 -5.92 -24.71 -26.69
CA PRO A 295 -5.91 -25.90 -27.55
C PRO A 295 -7.14 -25.95 -28.44
N ILE A 296 -6.95 -26.11 -29.75
CA ILE A 296 -8.09 -26.29 -30.63
C ILE A 296 -8.14 -27.67 -31.25
N PHE A 297 -9.18 -28.42 -30.92
CA PHE A 297 -9.34 -29.77 -31.43
C PHE A 297 -10.76 -30.23 -31.18
N TYR A 298 -11.31 -30.97 -32.13
CA TYR A 298 -12.64 -31.52 -31.95
C TYR A 298 -12.57 -33.01 -32.24
N LYS A 299 -12.20 -33.34 -33.48
CA LYS A 299 -12.05 -34.74 -33.83
C LYS A 299 -10.93 -35.34 -32.97
N THR A 300 -10.99 -36.65 -32.77
CA THR A 300 -9.99 -37.34 -31.97
C THR A 300 -8.59 -37.10 -32.55
N THR A 301 -7.63 -36.93 -31.64
CA THR A 301 -6.25 -36.67 -32.02
C THR A 301 -5.35 -36.94 -30.83
N ASP A 302 -4.03 -36.84 -31.02
CA ASP A 302 -3.13 -36.91 -29.89
C ASP A 302 -3.29 -35.62 -29.08
N GLU A 303 -4.20 -35.68 -28.13
CA GLU A 303 -4.48 -34.55 -27.24
C GLU A 303 -3.30 -34.33 -26.32
N ASN A 304 -2.59 -35.42 -26.07
CA ASN A 304 -1.43 -35.32 -25.22
C ASN A 304 -0.34 -34.50 -25.89
N ALA A 305 -0.03 -34.83 -27.15
CA ALA A 305 0.97 -34.14 -27.94
C ALA A 305 0.80 -32.64 -27.86
N ILE A 306 -0.47 -32.23 -28.03
CA ILE A 306 -0.84 -30.83 -27.90
C ILE A 306 -0.61 -30.31 -26.50
N HIS A 307 -1.23 -30.94 -25.48
CA HIS A 307 -1.01 -30.54 -24.09
C HIS A 307 0.47 -30.24 -23.79
N SER A 308 1.34 -31.12 -24.29
CA SER A 308 2.77 -30.91 -24.15
C SER A 308 3.25 -29.71 -24.96
N TYR A 309 2.94 -29.63 -26.26
CA TYR A 309 3.34 -28.50 -27.12
C TYR A 309 3.02 -27.13 -26.51
N CYS A 310 1.78 -27.03 -26.08
CA CYS A 310 1.26 -25.91 -25.32
C CYS A 310 2.07 -25.66 -24.08
N LYS A 311 2.26 -26.69 -23.26
CA LYS A 311 3.04 -26.53 -22.03
C LYS A 311 4.45 -26.00 -22.34
N ASP A 312 4.99 -26.37 -23.51
CA ASP A 312 6.30 -25.91 -23.98
C ASP A 312 6.29 -24.44 -24.30
N ILE A 313 5.24 -23.99 -24.98
CA ILE A 313 5.09 -22.55 -25.18
C ILE A 313 5.02 -21.84 -23.82
N GLU A 314 4.15 -22.34 -22.95
CA GLU A 314 3.96 -21.77 -21.62
C GLU A 314 5.28 -21.64 -20.89
N LYS A 315 6.16 -22.63 -21.08
CA LYS A 315 7.46 -22.62 -20.45
C LYS A 315 8.26 -21.51 -21.07
N ILE A 316 8.42 -21.55 -22.39
CA ILE A 316 9.17 -20.54 -23.12
C ILE A 316 8.83 -19.13 -22.64
N LEU A 317 7.56 -18.90 -22.33
CA LEU A 317 7.10 -17.57 -21.91
C LEU A 317 7.25 -17.27 -20.42
N LYS A 318 6.85 -18.20 -19.56
CA LYS A 318 6.98 -17.97 -18.11
C LYS A 318 8.46 -17.86 -17.74
N ASN A 319 9.33 -18.38 -18.60
CA ASN A 319 10.78 -18.26 -18.45
C ASN A 319 11.25 -16.86 -18.79
N ALA A 320 10.46 -16.14 -19.57
CA ALA A 320 10.77 -14.75 -19.87
C ALA A 320 9.98 -13.84 -18.95
N GLN A 321 9.57 -14.40 -17.81
CA GLN A 321 8.73 -13.69 -16.84
CA GLN A 321 8.73 -13.69 -16.85
C GLN A 321 7.52 -13.03 -17.53
N ILE A 322 6.95 -13.73 -18.51
CA ILE A 322 5.72 -13.29 -19.19
C ILE A 322 4.56 -14.16 -18.74
N ASN A 323 3.64 -13.62 -17.94
CA ASN A 323 2.66 -14.49 -17.29
C ASN A 323 1.55 -15.01 -18.20
N CYS A 324 1.44 -16.33 -18.24
CA CYS A 324 0.54 -17.03 -19.14
C CYS A 324 -0.58 -17.66 -18.36
N VAL A 325 -1.65 -18.04 -19.06
CA VAL A 325 -2.55 -19.04 -18.52
C VAL A 325 -2.88 -20.02 -19.64
N TYR A 326 -2.73 -21.32 -19.38
CA TYR A 326 -3.06 -22.34 -20.38
C TYR A 326 -4.41 -22.99 -20.07
N ASP A 327 -5.40 -22.70 -20.90
CA ASP A 327 -6.78 -23.17 -20.66
C ASP A 327 -7.03 -24.53 -21.32
N ASP A 328 -6.72 -25.61 -20.59
CA ASP A 328 -6.97 -26.96 -21.06
C ASP A 328 -8.21 -27.56 -20.41
N ARG A 329 -9.19 -26.71 -20.09
CA ARG A 329 -10.43 -27.22 -19.51
C ARG A 329 -11.09 -28.14 -20.52
N ALA A 330 -11.61 -29.25 -20.04
CA ALA A 330 -12.16 -30.25 -20.94
C ALA A 330 -13.61 -29.92 -21.24
N SER A 331 -14.22 -29.16 -20.32
CA SER A 331 -15.65 -28.91 -20.30
C SER A 331 -16.12 -27.88 -21.32
N TYR A 332 -15.21 -27.09 -21.86
CA TYR A 332 -15.62 -25.95 -22.68
C TYR A 332 -15.04 -26.02 -24.10
N SER A 333 -15.80 -25.51 -25.06
CA SER A 333 -15.40 -25.48 -26.47
C SER A 333 -14.29 -24.44 -26.66
N PRO A 334 -13.46 -24.60 -27.71
CA PRO A 334 -12.45 -23.56 -27.97
C PRO A 334 -13.08 -22.19 -28.12
N GLY A 335 -14.27 -22.14 -28.73
CA GLY A 335 -15.02 -20.90 -28.81
C GLY A 335 -15.35 -20.25 -27.47
N TYR A 336 -15.97 -21.05 -26.59
CA TYR A 336 -16.25 -20.61 -25.24
C TYR A 336 -15.00 -19.92 -24.70
N LYS A 337 -13.87 -20.61 -24.74
CA LYS A 337 -12.63 -20.06 -24.17
C LYS A 337 -12.26 -18.72 -24.80
N PHE A 338 -12.25 -18.70 -26.13
CA PHE A 338 -12.01 -17.48 -26.88
C PHE A 338 -12.76 -16.34 -26.24
N ASN A 339 -14.08 -16.48 -26.17
CA ASN A 339 -14.91 -15.40 -25.67
C ASN A 339 -14.62 -15.08 -24.20
N HIS A 340 -14.38 -16.13 -23.43
CA HIS A 340 -14.18 -16.01 -21.98
C HIS A 340 -12.96 -15.17 -21.61
N TRP A 341 -11.86 -15.37 -22.33
CA TRP A 341 -10.64 -14.58 -22.07
C TRP A 341 -10.59 -13.29 -22.87
N GLU A 342 -11.30 -13.25 -23.99
CA GLU A 342 -11.42 -12.01 -24.73
C GLU A 342 -12.15 -11.01 -23.86
N LEU A 343 -13.09 -11.54 -23.11
CA LEU A 343 -13.93 -10.75 -22.25
C LEU A 343 -13.17 -10.27 -21.01
N ARG A 344 -12.26 -11.11 -20.51
CA ARG A 344 -11.53 -10.80 -19.29
CA ARG A 344 -11.51 -10.81 -19.30
C ARG A 344 -10.32 -9.90 -19.60
N GLY A 345 -10.19 -9.52 -20.88
CA GLY A 345 -9.22 -8.53 -21.32
C GLY A 345 -7.78 -8.93 -21.60
N ILE A 346 -7.54 -10.21 -21.81
CA ILE A 346 -6.18 -10.70 -22.11
C ILE A 346 -5.68 -10.20 -23.45
N PRO A 347 -4.50 -9.54 -23.47
CA PRO A 347 -3.94 -8.89 -24.67
C PRO A 347 -3.71 -9.84 -25.85
N ILE A 348 -3.16 -11.03 -25.57
CA ILE A 348 -2.74 -11.97 -26.60
C ILE A 348 -3.29 -13.37 -26.36
N ARG A 349 -3.85 -13.97 -27.41
CA ARG A 349 -4.22 -15.37 -27.33
C ARG A 349 -3.44 -16.18 -28.34
N ILE A 350 -2.76 -17.21 -27.87
CA ILE A 350 -2.12 -18.15 -28.76
C ILE A 350 -3.01 -19.38 -28.91
N GLU A 351 -3.38 -19.68 -30.16
CA GLU A 351 -4.13 -20.90 -30.51
C GLU A 351 -3.20 -21.98 -31.09
N VAL A 352 -3.36 -23.19 -30.59
CA VAL A 352 -2.55 -24.32 -30.97
C VAL A 352 -3.46 -25.34 -31.60
N GLY A 353 -3.10 -25.80 -32.77
CA GLY A 353 -3.92 -26.73 -33.52
C GLY A 353 -3.05 -27.88 -34.00
N PRO A 354 -3.69 -28.99 -34.33
CA PRO A 354 -2.98 -30.15 -34.87
C PRO A 354 -2.31 -29.80 -36.19
N LYS A 355 -2.87 -28.81 -36.89
CA LYS A 355 -2.30 -28.35 -38.16
C LYS A 355 -1.14 -27.39 -37.92
N ASP A 356 -0.80 -27.19 -36.64
CA ASP A 356 0.36 -26.39 -36.24
C ASP A 356 1.48 -27.20 -35.60
N LEU A 357 1.18 -28.35 -35.02
CA LEU A 357 2.25 -29.17 -34.44
C LEU A 357 3.10 -29.89 -35.49
N GLN A 358 2.48 -30.25 -36.61
CA GLN A 358 3.24 -30.85 -37.70
C GLN A 358 3.90 -29.75 -38.52
N ASN A 359 3.37 -28.54 -38.38
CA ASN A 359 3.94 -27.36 -39.02
C ASN A 359 4.96 -26.66 -38.11
N ASN A 360 4.94 -27.05 -36.82
CA ASN A 360 5.78 -26.49 -35.76
C ASN A 360 5.62 -24.95 -35.64
N SER A 361 4.40 -24.48 -35.88
CA SER A 361 4.08 -23.08 -35.62
C SER A 361 2.91 -22.97 -34.64
N CYS A 362 2.18 -21.87 -34.74
CA CYS A 362 0.96 -21.66 -33.96
C CYS A 362 0.36 -20.37 -34.44
N VAL A 363 -0.75 -19.95 -33.81
CA VAL A 363 -1.37 -18.69 -34.24
C VAL A 363 -1.51 -17.70 -33.07
N ILE A 364 -1.27 -16.42 -33.32
CA ILE A 364 -1.34 -15.43 -32.26
C ILE A 364 -2.32 -14.34 -32.64
N VAL A 365 -3.21 -14.02 -31.69
CA VAL A 365 -4.33 -13.11 -31.92
C VAL A 365 -4.32 -11.96 -30.93
N ARG A 366 -4.46 -10.75 -31.47
CA ARG A 366 -4.43 -9.54 -30.67
C ARG A 366 -5.79 -9.17 -30.10
N ARG A 367 -5.85 -8.88 -28.81
CA ARG A 367 -7.11 -8.50 -28.19
C ARG A 367 -7.67 -7.21 -28.80
N ASP A 368 -6.79 -6.27 -29.14
CA ASP A 368 -7.25 -4.93 -29.55
C ASP A 368 -7.89 -4.92 -30.94
N ASN A 369 -7.20 -5.42 -31.97
CA ASN A 369 -7.78 -5.45 -33.31
C ASN A 369 -8.13 -6.85 -33.83
N ASN A 370 -8.01 -7.87 -32.99
CA ASN A 370 -8.25 -9.27 -33.37
C ASN A 370 -7.57 -9.70 -34.67
N GLU A 371 -6.48 -9.04 -35.03
CA GLU A 371 -5.62 -9.50 -36.11
C GLU A 371 -4.90 -10.79 -35.72
N LYS A 372 -4.98 -11.79 -36.58
CA LYS A 372 -4.31 -13.06 -36.34
C LYS A 372 -3.04 -13.16 -37.17
N CYS A 373 -2.05 -13.91 -36.69
CA CYS A 373 -0.88 -14.24 -37.52
C CYS A 373 -0.26 -15.60 -37.17
N ASN A 374 0.40 -16.21 -38.16
CA ASN A 374 1.06 -17.51 -37.97
C ASN A 374 2.53 -17.36 -37.60
N VAL A 375 2.97 -18.07 -36.56
CA VAL A 375 4.35 -17.88 -36.09
C VAL A 375 5.02 -19.16 -35.65
N LYS A 376 6.26 -19.35 -36.14
CA LYS A 376 7.07 -20.50 -35.80
C LYS A 376 7.38 -20.55 -34.31
N LYS A 377 7.61 -21.73 -33.78
CA LYS A 377 7.77 -21.92 -32.34
C LYS A 377 8.95 -21.16 -31.71
N GLU A 378 10.08 -21.07 -32.40
CA GLU A 378 11.25 -20.40 -31.84
C GLU A 378 11.10 -18.89 -31.89
N SER A 379 10.21 -18.42 -32.75
CA SER A 379 9.96 -16.98 -32.85
C SER A 379 8.93 -16.55 -31.81
N VAL A 380 8.24 -17.51 -31.23
CA VAL A 380 7.08 -17.24 -30.40
C VAL A 380 7.38 -16.19 -29.32
N LEU A 381 8.49 -16.36 -28.60
CA LEU A 381 8.79 -15.45 -27.49
C LEU A 381 9.02 -14.02 -27.96
N LEU A 382 9.96 -13.87 -28.88
CA LEU A 382 10.26 -12.59 -29.51
C LEU A 382 8.99 -11.91 -29.98
N GLU A 383 8.35 -12.54 -30.96
CA GLU A 383 7.12 -12.04 -31.59
C GLU A 383 6.03 -11.64 -30.57
N THR A 384 5.80 -12.49 -29.58
CA THR A 384 4.87 -12.17 -28.49
C THR A 384 5.27 -10.87 -27.77
N GLN A 385 6.55 -10.73 -27.44
CA GLN A 385 7.04 -9.47 -26.83
C GLN A 385 6.72 -8.24 -27.69
N GLN A 386 7.24 -8.27 -28.91
CA GLN A 386 7.06 -7.14 -29.82
C GLN A 386 5.57 -6.83 -29.99
N MET A 387 4.77 -7.89 -29.91
CA MET A 387 3.33 -7.72 -30.05
C MET A 387 2.74 -7.01 -28.84
N LEU A 388 3.19 -7.40 -27.64
CA LEU A 388 2.74 -6.77 -26.40
C LEU A 388 3.10 -5.31 -26.35
N VAL A 389 4.18 -4.96 -27.05
CA VAL A 389 4.50 -3.54 -27.16
C VAL A 389 3.55 -2.84 -28.13
N ASP A 390 3.32 -3.51 -29.26
CA ASP A 390 2.54 -2.91 -30.32
C ASP A 390 1.09 -2.68 -29.90
N ILE A 391 0.53 -3.62 -29.13
CA ILE A 391 -0.85 -3.53 -28.71
C ILE A 391 -1.01 -2.24 -27.93
N HIS A 392 -0.06 -2.00 -27.03
CA HIS A 392 -0.05 -0.76 -26.28
C HIS A 392 0.00 0.45 -27.21
N LYS A 393 1.01 0.51 -28.09
CA LYS A 393 1.11 1.71 -28.94
C LYS A 393 -0.16 1.97 -29.73
N ASN A 394 -0.80 0.89 -30.13
CA ASN A 394 -1.99 0.95 -30.95
C ASN A 394 -3.16 1.49 -30.15
N LEU A 395 -3.38 0.89 -28.97
CA LEU A 395 -4.39 1.41 -28.06
C LEU A 395 -4.25 2.92 -27.85
N PHE A 396 -3.03 3.33 -27.49
CA PHE A 396 -2.80 4.73 -27.20
C PHE A 396 -3.07 5.60 -28.44
N LEU A 397 -2.79 5.04 -29.62
CA LEU A 397 -3.08 5.76 -30.85
C LEU A 397 -4.55 5.95 -31.12
N LYS A 398 -5.31 4.85 -31.14
CA LYS A 398 -6.72 4.97 -31.46
C LYS A 398 -7.36 5.90 -30.46
N ALA A 399 -6.94 5.76 -29.20
CA ALA A 399 -7.43 6.63 -28.13
C ALA A 399 -7.18 8.09 -28.47
N LYS A 400 -5.90 8.40 -28.66
CA LYS A 400 -5.46 9.73 -29.05
C LYS A 400 -6.24 10.29 -30.24
N LYS A 401 -6.42 9.51 -31.29
CA LYS A 401 -7.17 9.99 -32.43
C LYS A 401 -8.57 10.31 -32.02
N LYS A 402 -9.19 9.44 -31.23
CA LYS A 402 -10.57 9.72 -30.84
C LYS A 402 -10.58 11.09 -30.15
N LEU A 403 -9.65 11.25 -29.22
CA LEU A 403 -9.55 12.48 -28.44
C LEU A 403 -9.42 13.68 -29.33
N ASP A 404 -8.53 13.55 -30.30
CA ASP A 404 -8.20 14.67 -31.16
C ASP A 404 -9.42 15.01 -31.98
N ASP A 405 -10.21 13.99 -32.32
CA ASP A 405 -11.36 14.18 -33.19
C ASP A 405 -12.53 14.74 -32.40
N SER A 406 -12.45 14.65 -31.08
CA SER A 406 -13.54 15.13 -30.25
C SER A 406 -13.43 16.62 -29.88
N ILE A 407 -12.39 17.29 -30.34
CA ILE A 407 -12.27 18.71 -30.07
C ILE A 407 -12.56 19.55 -31.31
N VAL A 408 -13.43 20.55 -31.13
CA VAL A 408 -13.79 21.51 -32.17
C VAL A 408 -13.30 22.90 -31.79
N GLN A 409 -12.56 23.56 -32.68
CA GLN A 409 -12.14 24.91 -32.37
C GLN A 409 -13.18 25.89 -32.90
N VAL A 410 -13.92 26.52 -31.98
CA VAL A 410 -14.92 27.50 -32.37
C VAL A 410 -14.39 28.88 -32.06
N THR A 411 -15.01 29.90 -32.67
CA THR A 411 -14.68 31.30 -32.40
C THR A 411 -15.94 32.08 -32.04
N SER A 412 -17.04 31.36 -31.91
CA SER A 412 -18.30 32.01 -31.54
C SER A 412 -19.30 31.00 -31.00
N PHE A 413 -20.35 31.52 -30.36
CA PHE A 413 -21.29 30.69 -29.64
C PHE A 413 -22.23 29.88 -30.55
N SER A 414 -22.50 30.44 -31.72
CA SER A 414 -23.28 29.79 -32.77
C SER A 414 -22.87 28.35 -32.95
N GLU A 415 -21.54 28.15 -32.97
CA GLU A 415 -20.96 26.89 -33.34
C GLU A 415 -20.99 25.90 -32.19
N VAL A 416 -21.17 26.42 -30.98
CA VAL A 416 -21.03 25.62 -29.77
C VAL A 416 -22.01 24.46 -29.70
N MET A 417 -23.29 24.80 -29.61
CA MET A 417 -24.36 23.84 -29.41
C MET A 417 -24.29 22.66 -30.38
N ASN A 418 -24.18 22.96 -31.67
CA ASN A 418 -23.93 21.95 -32.70
C ASN A 418 -22.87 20.94 -32.26
N ALA A 419 -21.65 21.41 -32.06
CA ALA A 419 -20.53 20.57 -31.62
C ALA A 419 -20.84 19.78 -30.37
N LEU A 420 -21.63 20.37 -29.47
CA LEU A 420 -21.99 19.69 -28.23
C LEU A 420 -22.84 18.46 -28.48
N ASN A 421 -23.79 18.61 -29.40
CA ASN A 421 -24.77 17.56 -29.65
C ASN A 421 -24.17 16.45 -30.51
N LYS A 422 -22.96 16.69 -31.01
CA LYS A 422 -22.22 15.69 -31.75
C LYS A 422 -21.26 14.93 -30.83
N LYS A 423 -21.45 15.10 -29.52
CA LYS A 423 -20.60 14.49 -28.49
C LYS A 423 -19.18 15.02 -28.50
N LYS A 424 -19.02 16.29 -28.83
CA LYS A 424 -17.68 16.89 -28.89
C LYS A 424 -17.50 17.91 -27.77
N MET A 425 -16.26 18.26 -27.47
CA MET A 425 -16.03 19.41 -26.63
C MET A 425 -15.49 20.54 -27.54
N VAL A 426 -15.63 21.79 -27.10
CA VAL A 426 -15.09 22.88 -27.88
C VAL A 426 -13.86 23.51 -27.23
N LEU A 427 -13.04 24.14 -28.06
CA LEU A 427 -11.92 24.96 -27.65
C LEU A 427 -12.21 26.35 -28.20
N ALA A 428 -12.35 27.32 -27.30
CA ALA A 428 -12.93 28.62 -27.65
C ALA A 428 -12.18 29.76 -26.98
N PRO A 429 -12.06 30.91 -27.69
CA PRO A 429 -11.43 32.13 -27.17
C PRO A 429 -12.27 32.71 -26.04
N TRP A 430 -11.76 32.65 -24.82
CA TRP A 430 -12.48 33.10 -23.66
C TRP A 430 -11.75 34.31 -23.03
N CYS A 431 -12.54 35.22 -22.45
CA CYS A 431 -12.05 36.35 -21.68
C CYS A 431 -11.83 35.91 -20.25
N GLU A 432 -12.19 34.67 -19.97
CA GLU A 432 -12.01 34.07 -18.65
C GLU A 432 -12.61 34.82 -17.44
N ASP A 433 -13.35 35.89 -17.68
CA ASP A 433 -14.11 36.56 -16.63
C ASP A 433 -15.15 35.65 -16.04
N ILE A 434 -15.37 35.82 -14.75
CA ILE A 434 -16.10 34.81 -14.00
C ILE A 434 -17.62 34.68 -14.25
N ALA A 435 -18.36 35.79 -14.29
CA ALA A 435 -19.80 35.76 -14.41
C ALA A 435 -20.20 35.00 -15.67
N THR A 436 -19.33 35.10 -16.68
CA THR A 436 -19.53 34.41 -17.95
C THR A 436 -19.57 32.89 -17.79
N GLU A 437 -18.83 32.34 -16.83
CA GLU A 437 -18.90 30.91 -16.53
C GLU A 437 -20.33 30.48 -16.24
N GLU A 438 -20.96 31.19 -15.33
CA GLU A 438 -22.29 30.84 -14.90
C GLU A 438 -23.28 31.15 -16.00
N GLU A 439 -23.01 32.22 -16.75
CA GLU A 439 -23.87 32.57 -17.89
C GLU A 439 -23.85 31.48 -18.99
N ILE A 440 -22.67 30.91 -19.22
CA ILE A 440 -22.50 29.89 -20.24
C ILE A 440 -23.11 28.58 -19.78
N LYS A 441 -22.88 28.24 -18.51
CA LYS A 441 -23.55 27.08 -17.92
C LYS A 441 -25.06 27.20 -18.12
N LYS A 442 -25.64 28.32 -17.68
CA LYS A 442 -27.09 28.46 -17.74
C LYS A 442 -27.59 28.44 -19.18
N GLU A 443 -26.87 29.08 -20.10
CA GLU A 443 -27.37 29.12 -21.48
C GLU A 443 -27.34 27.75 -22.12
N THR A 444 -26.23 27.04 -21.92
CA THR A 444 -26.07 25.74 -22.56
C THR A 444 -26.98 24.70 -21.91
N GLN A 445 -27.29 24.86 -20.63
CA GLN A 445 -28.26 23.99 -19.99
C GLN A 445 -29.65 24.22 -20.59
N ARG A 446 -29.96 25.48 -20.90
CA ARG A 446 -31.27 25.82 -21.47
C ARG A 446 -31.47 25.38 -22.92
N LEU A 447 -30.42 24.96 -23.59
CA LEU A 447 -30.55 24.64 -25.01
C LEU A 447 -30.36 23.18 -25.33
N SER A 448 -30.50 22.32 -24.32
CA SER A 448 -30.23 20.88 -24.49
C SER A 448 -31.50 20.03 -24.33
N LEU A 449 -31.38 18.76 -24.73
CA LEU A 449 -32.49 17.79 -24.61
C LEU A 449 -32.42 17.00 -23.31
N THR A 457 -29.46 11.86 -13.38
CA THR A 457 -28.27 11.33 -14.03
C THR A 457 -27.16 12.40 -14.12
N LEU A 458 -26.84 12.83 -15.34
CA LEU A 458 -25.78 13.82 -15.58
C LEU A 458 -26.31 15.11 -16.23
N SER A 459 -25.54 16.19 -16.09
CA SER A 459 -25.99 17.51 -16.57
C SER A 459 -25.71 17.74 -18.06
N GLY A 460 -26.38 18.73 -18.64
CA GLY A 460 -26.17 19.08 -20.02
C GLY A 460 -25.49 20.43 -20.16
N ALA A 461 -25.31 21.12 -19.04
CA ALA A 461 -24.63 22.41 -19.03
C ALA A 461 -23.14 22.23 -19.34
N MET A 462 -22.62 23.11 -20.19
CA MET A 462 -21.21 23.09 -20.58
C MET A 462 -20.33 23.89 -19.62
N LYS A 463 -19.31 23.25 -19.06
CA LYS A 463 -18.44 23.89 -18.08
C LYS A 463 -17.09 24.20 -18.70
N PRO A 464 -16.40 25.23 -18.19
CA PRO A 464 -14.99 25.37 -18.54
C PRO A 464 -14.21 24.23 -17.89
N LEU A 465 -13.45 23.50 -18.71
CA LEU A 465 -12.76 22.32 -18.22
C LEU A 465 -11.34 22.65 -17.86
N CYS A 466 -10.55 23.04 -18.84
CA CYS A 466 -9.26 23.63 -18.53
C CYS A 466 -8.81 24.58 -19.61
N ILE A 467 -8.00 25.54 -19.21
CA ILE A 467 -7.16 26.28 -20.16
C ILE A 467 -5.92 25.46 -20.42
N PRO A 468 -5.82 24.87 -21.61
CA PRO A 468 -4.72 23.93 -21.82
C PRO A 468 -3.37 24.64 -21.84
N LEU A 469 -2.33 23.96 -21.37
CA LEU A 469 -0.99 24.55 -21.37
C LEU A 469 -0.51 24.79 -22.81
N ASP A 470 -0.81 23.87 -23.72
CA ASP A 470 -0.37 24.04 -25.09
C ASP A 470 -1.32 24.98 -25.86
N GLN A 471 -1.11 26.28 -25.69
CA GLN A 471 -2.05 27.27 -26.23
C GLN A 471 -1.85 27.64 -27.71
N PRO A 472 -2.94 27.63 -28.48
CA PRO A 472 -2.97 28.21 -29.84
C PRO A 472 -2.67 29.69 -29.77
N PRO A 473 -2.08 30.26 -30.83
CA PRO A 473 -1.78 31.69 -30.76
C PRO A 473 -3.07 32.47 -30.58
N MET A 474 -3.02 33.54 -29.81
CA MET A 474 -4.17 34.42 -29.71
C MET A 474 -3.97 35.66 -30.60
N PRO A 475 -4.75 35.76 -31.69
CA PRO A 475 -4.72 36.99 -32.50
C PRO A 475 -4.97 38.22 -31.63
N PRO A 476 -4.43 39.38 -32.04
CA PRO A 476 -4.56 40.59 -31.21
C PRO A 476 -6.01 41.02 -31.10
N ASN A 477 -6.76 40.78 -32.17
CA ASN A 477 -8.16 41.14 -32.22
C ASN A 477 -9.03 40.34 -31.29
N MET A 478 -8.80 39.02 -31.28
CA MET A 478 -9.82 38.04 -30.91
C MET A 478 -10.67 38.42 -29.72
N LYS A 479 -11.99 38.32 -29.92
CA LYS A 479 -12.93 38.56 -28.84
C LYS A 479 -13.38 37.25 -28.20
N CYS A 480 -13.74 37.32 -26.93
CA CYS A 480 -14.36 36.20 -26.24
C CYS A 480 -15.67 35.81 -26.92
N PHE A 481 -15.78 34.53 -27.25
CA PHE A 481 -16.93 33.97 -27.99
C PHE A 481 -18.25 34.14 -27.24
N TRP A 482 -18.17 34.65 -26.02
CA TRP A 482 -19.37 34.82 -25.19
C TRP A 482 -19.65 36.27 -24.86
N SER A 483 -18.71 36.91 -24.17
CA SER A 483 -18.88 38.29 -23.73
C SER A 483 -18.73 39.29 -24.87
N GLY A 484 -17.74 39.09 -25.72
CA GLY A 484 -17.42 40.09 -26.74
C GLY A 484 -16.30 40.98 -26.23
N LYS A 485 -15.87 40.73 -25.00
CA LYS A 485 -14.64 41.30 -24.45
C LYS A 485 -13.46 40.75 -25.24
N PRO A 486 -12.29 41.42 -25.16
CA PRO A 486 -11.08 40.81 -25.69
C PRO A 486 -10.87 39.44 -25.06
N ALA A 487 -10.63 38.42 -25.88
CA ALA A 487 -10.40 37.11 -25.32
C ALA A 487 -9.01 37.09 -24.68
N LYS A 488 -8.88 36.46 -23.50
CA LYS A 488 -7.58 36.27 -22.85
C LYS A 488 -6.84 35.03 -23.37
N ARG A 489 -7.47 33.85 -23.29
CA ARG A 489 -6.81 32.60 -23.76
C ARG A 489 -7.78 31.60 -24.40
N TRP A 490 -7.24 30.47 -24.86
CA TRP A 490 -8.09 29.42 -25.42
C TRP A 490 -8.50 28.46 -24.34
N CYS A 491 -9.79 28.12 -24.28
CA CYS A 491 -10.28 27.27 -23.21
C CYS A 491 -11.14 26.13 -23.68
N LEU A 492 -10.93 24.95 -23.08
CA LEU A 492 -11.81 23.81 -23.35
C LEU A 492 -13.10 23.89 -22.56
N PHE A 493 -14.21 23.97 -23.28
CA PHE A 493 -15.52 23.78 -22.69
C PHE A 493 -16.08 22.41 -23.12
N GLY A 494 -16.90 21.81 -22.27
CA GLY A 494 -17.46 20.51 -22.61
C GLY A 494 -18.41 20.03 -21.54
N ARG A 495 -19.27 19.07 -21.87
CA ARG A 495 -20.10 18.44 -20.85
C ARG A 495 -19.15 17.53 -20.10
N SER A 496 -19.41 17.31 -18.81
CA SER A 496 -18.45 16.60 -17.98
C SER A 496 -19.06 15.69 -16.92
N TYR A 497 -18.18 14.94 -16.26
CA TYR A 497 -18.54 14.17 -15.09
C TYR A 497 -18.47 15.01 -13.83
N MET B 3 14.20 16.82 24.01
CA MET B 3 15.52 16.85 23.39
C MET B 3 16.26 15.54 23.60
N ALA B 4 16.20 15.02 24.84
CA ALA B 4 16.86 13.76 25.16
C ALA B 4 16.14 12.91 26.23
N ILE B 5 16.40 11.62 26.16
CA ILE B 5 15.70 10.61 26.95
C ILE B 5 16.00 10.69 28.45
N THR B 6 15.01 11.13 29.21
CA THR B 6 15.16 11.33 30.64
C THR B 6 14.80 10.08 31.43
N SER B 7 14.78 8.94 30.72
CA SER B 7 14.57 7.64 31.36
C SER B 7 15.52 6.60 30.77
N LYS B 8 15.92 5.62 31.59
CA LYS B 8 16.78 4.54 31.11
C LYS B 8 15.97 3.27 30.85
N LYS B 9 16.33 2.55 29.79
CA LYS B 9 15.59 1.39 29.28
C LYS B 9 15.30 0.33 30.34
N ILE B 10 16.23 0.14 31.28
CA ILE B 10 16.13 -0.90 32.29
C ILE B 10 15.94 -0.28 33.70
N GLU B 11 15.25 0.86 33.74
CA GLU B 11 14.88 1.50 35.00
C GLU B 11 13.37 1.76 35.01
N ASN B 12 12.86 2.20 33.86
CA ASN B 12 11.44 2.34 33.61
C ASN B 12 11.18 2.15 32.11
N PHE B 13 10.92 0.91 31.70
CA PHE B 13 10.85 0.52 30.29
C PHE B 13 9.78 1.27 29.51
N SER B 14 8.61 1.46 30.11
CA SER B 14 7.44 2.00 29.43
C SER B 14 7.64 3.46 29.01
N ASP B 15 7.99 4.29 29.97
CA ASP B 15 8.20 5.72 29.69
C ASP B 15 9.43 5.90 28.80
N TRP B 16 10.37 4.97 28.92
CA TRP B 16 11.48 4.92 27.98
C TRP B 16 10.96 4.77 26.55
N TYR B 17 10.26 3.68 26.29
CA TYR B 17 9.69 3.40 24.96
C TYR B 17 8.88 4.56 24.41
N THR B 18 7.98 5.12 25.23
CA THR B 18 7.20 6.26 24.77
C THR B 18 8.15 7.40 24.36
N GLN B 19 9.11 7.69 25.23
CA GLN B 19 10.08 8.76 24.99
C GLN B 19 10.77 8.56 23.64
N VAL B 20 11.28 7.35 23.43
CA VAL B 20 12.02 7.02 22.22
C VAL B 20 11.15 7.13 20.98
N ILE B 21 9.94 6.56 21.00
CA ILE B 21 9.13 6.64 19.79
C ILE B 21 8.69 8.07 19.49
N VAL B 22 8.61 8.94 20.50
CA VAL B 22 8.14 10.29 20.18
C VAL B 22 9.27 11.30 19.87
N LYS B 23 10.42 11.16 20.51
CA LYS B 23 11.53 12.10 20.29
C LYS B 23 12.45 11.69 19.13
N SER B 24 12.37 10.43 18.72
CA SER B 24 13.15 9.95 17.57
C SER B 24 12.39 10.25 16.30
N GLU B 25 11.24 10.89 16.48
CA GLU B 25 10.43 11.40 15.38
C GLU B 25 9.93 10.28 14.49
N LEU B 26 9.43 9.19 15.10
CA LEU B 26 8.85 8.10 14.33
C LEU B 26 7.36 8.34 14.14
N ILE B 27 6.72 8.76 15.24
CA ILE B 27 5.32 9.13 15.22
C ILE B 27 5.12 10.47 15.92
N GLU B 28 3.97 11.08 15.68
CA GLU B 28 3.63 12.26 16.47
C GLU B 28 2.14 12.34 16.80
N TYR B 29 1.80 12.92 17.94
CA TYR B 29 0.39 13.04 18.36
C TYR B 29 -0.17 14.47 18.27
N TYR B 30 -1.30 14.62 17.59
CA TYR B 30 -1.93 15.94 17.38
C TYR B 30 -3.14 16.31 18.27
N ASP B 31 -4.09 15.38 18.41
CA ASP B 31 -5.35 15.64 19.04
C ASP B 31 -5.38 15.00 20.41
N ILE B 32 -6.48 15.24 21.10
CA ILE B 32 -6.77 14.56 22.34
C ILE B 32 -6.92 13.06 22.11
N SER B 33 -7.29 12.68 20.87
CA SER B 33 -7.51 11.28 20.48
C SER B 33 -6.37 10.37 20.91
N GLY B 34 -5.15 10.85 20.74
CA GLY B 34 -3.98 10.03 21.00
C GLY B 34 -3.70 9.23 19.76
N CYS B 35 -4.49 9.47 18.72
CA CYS B 35 -4.18 8.93 17.41
C CYS B 35 -2.87 9.57 16.97
N TYR B 36 -2.10 8.88 16.14
CA TYR B 36 -0.80 9.39 15.76
C TYR B 36 -0.46 9.37 14.28
N ILE B 37 0.23 10.42 13.85
CA ILE B 37 0.89 10.49 12.55
C ILE B 37 2.05 9.51 12.47
N LEU B 38 2.15 8.81 11.34
CA LEU B 38 3.31 8.01 10.99
C LEU B 38 4.24 8.82 10.11
N ARG B 39 5.24 9.44 10.73
CA ARG B 39 6.20 10.23 9.98
C ARG B 39 7.07 9.30 9.13
N PRO B 40 7.68 9.84 8.06
CA PRO B 40 8.48 9.09 7.09
C PRO B 40 9.45 8.06 7.65
N ALA B 41 9.97 8.27 8.86
CA ALA B 41 10.93 7.32 9.41
C ALA B 41 10.30 5.94 9.63
N ALA B 42 9.15 5.92 10.29
CA ALA B 42 8.44 4.68 10.54
C ALA B 42 7.97 4.08 9.22
N TYR B 43 7.47 4.97 8.37
CA TYR B 43 6.86 4.49 7.15
C TYR B 43 7.91 3.90 6.24
N TYR B 44 9.16 4.36 6.37
CA TYR B 44 10.25 3.81 5.57
C TYR B 44 10.37 2.33 5.86
N ILE B 45 10.44 2.01 7.15
CA ILE B 45 10.49 0.64 7.62
C ILE B 45 9.32 -0.20 7.10
N TRP B 46 8.12 0.32 7.36
CA TRP B 46 6.93 -0.45 6.99
C TRP B 46 6.94 -0.72 5.50
N GLU B 47 7.42 0.25 4.75
CA GLU B 47 7.47 0.15 3.30
C GLU B 47 8.50 -0.89 2.86
N CYS B 48 9.60 -0.99 3.60
CA CYS B 48 10.62 -1.96 3.24
C CYS B 48 10.08 -3.37 3.42
N VAL B 49 9.55 -3.64 4.61
CA VAL B 49 9.10 -4.98 4.86
C VAL B 49 7.90 -5.29 3.94
N GLN B 50 7.12 -4.25 3.63
CA GLN B 50 6.00 -4.37 2.73
C GLN B 50 6.50 -4.86 1.37
N ALA B 51 7.54 -4.22 0.87
CA ALA B 51 8.09 -4.56 -0.44
C ALA B 51 8.61 -6.00 -0.47
N PHE B 52 9.45 -6.32 0.50
CA PHE B 52 9.97 -7.68 0.61
C PHE B 52 8.83 -8.68 0.56
N PHE B 53 7.81 -8.41 1.36
CA PHE B 53 6.73 -9.37 1.55
C PHE B 53 5.92 -9.53 0.28
N ASN B 54 5.56 -8.42 -0.36
CA ASN B 54 4.84 -8.47 -1.62
C ASN B 54 5.62 -9.27 -2.65
N LYS B 55 6.93 -9.07 -2.71
CA LYS B 55 7.75 -9.80 -3.65
C LYS B 55 7.68 -11.32 -3.40
N GLU B 56 8.02 -11.70 -2.17
CA GLU B 56 8.14 -13.12 -1.87
C GLU B 56 6.79 -13.82 -1.96
N ILE B 57 5.69 -13.12 -1.67
CA ILE B 57 4.39 -13.80 -1.78
C ILE B 57 3.88 -13.83 -3.21
N LYS B 58 4.28 -12.85 -4.03
CA LYS B 58 3.99 -12.97 -5.46
C LYS B 58 4.67 -14.22 -5.92
N LYS B 59 5.88 -14.49 -5.41
CA LYS B 59 6.52 -15.76 -5.78
C LYS B 59 5.58 -16.95 -5.50
N LEU B 60 4.72 -16.80 -4.50
CA LEU B 60 3.79 -17.88 -4.18
C LEU B 60 2.40 -17.71 -4.80
N ASN B 61 2.35 -17.00 -5.93
CA ASN B 61 1.10 -16.82 -6.67
C ASN B 61 -0.02 -16.31 -5.80
N VAL B 62 0.32 -15.39 -4.90
CA VAL B 62 -0.68 -14.71 -4.07
C VAL B 62 -1.01 -13.35 -4.68
N GLU B 63 -2.27 -13.16 -5.02
CA GLU B 63 -2.68 -11.91 -5.67
C GLU B 63 -3.14 -10.88 -4.63
N ASN B 64 -2.68 -9.64 -4.76
CA ASN B 64 -3.16 -8.61 -3.86
C ASN B 64 -4.55 -8.15 -4.27
N SER B 65 -5.33 -7.73 -3.29
CA SER B 65 -6.73 -7.37 -3.50
C SER B 65 -7.15 -6.28 -2.55
N TYR B 66 -8.44 -6.00 -2.51
CA TYR B 66 -9.00 -5.08 -1.52
C TYR B 66 -10.48 -5.31 -1.27
N PHE B 67 -10.79 -5.83 -0.08
CA PHE B 67 -12.15 -5.93 0.41
C PHE B 67 -12.49 -4.74 1.33
N PRO B 68 -13.44 -3.88 0.93
CA PRO B 68 -13.79 -2.75 1.81
C PRO B 68 -14.28 -3.20 3.17
N LEU B 69 -13.93 -2.46 4.22
CA LEU B 69 -14.30 -2.81 5.58
C LEU B 69 -15.04 -1.70 6.32
N PHE B 70 -15.86 -2.09 7.27
CA PHE B 70 -16.59 -1.15 8.10
C PHE B 70 -16.45 -1.57 9.54
N VAL B 71 -15.43 -1.06 10.23
CA VAL B 71 -15.20 -1.47 11.61
C VAL B 71 -16.24 -0.90 12.56
N THR B 72 -16.80 -1.77 13.39
CA THR B 72 -17.73 -1.36 14.44
C THR B 72 -16.96 -1.21 15.74
N LYS B 73 -17.15 -0.08 16.40
CA LYS B 73 -16.49 0.14 17.68
C LYS B 73 -17.42 -0.37 18.77
N ASN B 74 -16.94 -1.32 19.57
CA ASN B 74 -15.57 -1.83 19.45
C ASN B 74 -15.53 -3.33 19.09
N ILE B 83 -8.79 -11.55 21.77
CA ILE B 83 -9.16 -12.32 20.60
C ILE B 83 -8.88 -11.48 19.34
N GLU B 84 -8.47 -10.24 19.57
CA GLU B 84 -8.22 -9.27 18.50
C GLU B 84 -7.31 -9.77 17.37
N GLY B 85 -6.15 -10.32 17.73
CA GLY B 85 -5.21 -10.82 16.75
C GLY B 85 -4.77 -9.72 15.81
N PHE B 86 -5.04 -9.89 14.52
CA PHE B 86 -4.76 -8.84 13.54
C PHE B 86 -6.05 -8.27 12.95
N SER B 87 -7.09 -9.07 12.85
CA SER B 87 -8.36 -8.65 12.24
C SER B 87 -9.25 -7.88 13.19
N PRO B 88 -9.77 -6.73 12.73
CA PRO B 88 -10.75 -5.92 13.45
C PRO B 88 -12.15 -6.52 13.32
N GLU B 89 -13.07 -6.17 14.21
CA GLU B 89 -14.44 -6.64 14.07
C GLU B 89 -15.18 -5.70 13.13
N VAL B 90 -15.81 -6.27 12.10
CA VAL B 90 -16.40 -5.48 11.03
C VAL B 90 -17.92 -5.61 11.02
N ALA B 91 -18.59 -4.55 10.57
CA ALA B 91 -20.00 -4.65 10.22
C ALA B 91 -20.20 -5.64 9.04
N TRP B 92 -21.28 -6.42 9.12
CA TRP B 92 -21.70 -7.46 8.15
C TRP B 92 -22.31 -6.96 6.84
N VAL B 93 -21.66 -7.25 5.72
CA VAL B 93 -22.06 -6.65 4.46
C VAL B 93 -22.65 -7.67 3.50
N THR B 94 -22.81 -8.92 3.95
CA THR B 94 -23.48 -9.96 3.15
C THR B 94 -24.56 -10.62 4.01
N LYS B 95 -25.45 -11.41 3.38
CA LYS B 95 -26.46 -12.18 4.11
C LYS B 95 -25.88 -13.49 4.66
N TYR B 96 -26.11 -13.79 5.94
CA TYR B 96 -25.20 -14.73 6.61
C TYR B 96 -25.57 -16.15 6.28
N GLY B 97 -26.84 -16.35 5.94
CA GLY B 97 -27.36 -17.69 5.74
C GLY B 97 -27.68 -18.34 7.07
N ASP B 98 -28.45 -19.42 7.02
CA ASP B 98 -28.97 -20.06 8.22
C ASP B 98 -27.88 -20.63 9.14
N SER B 99 -26.69 -20.88 8.59
CA SER B 99 -25.65 -21.60 9.31
C SER B 99 -25.03 -20.99 10.58
N ASN B 100 -24.37 -19.84 10.42
CA ASN B 100 -23.76 -19.11 11.53
C ASN B 100 -22.88 -20.01 12.40
N LEU B 101 -23.03 -19.89 13.71
CA LEU B 101 -22.49 -20.91 14.62
C LEU B 101 -22.86 -20.68 16.09
N PRO B 102 -23.06 -21.79 16.84
CA PRO B 102 -23.18 -21.89 18.29
C PRO B 102 -22.25 -20.93 19.03
N GLU B 103 -21.00 -20.82 18.60
CA GLU B 103 -20.03 -19.95 19.27
C GLU B 103 -19.35 -19.01 18.28
N GLU B 104 -19.10 -17.78 18.71
CA GLU B 104 -18.45 -16.80 17.85
C GLU B 104 -19.27 -16.59 16.57
N ILE B 105 -18.65 -16.70 15.41
CA ILE B 105 -19.35 -16.56 14.14
C ILE B 105 -20.00 -15.18 14.01
N ALA B 106 -21.30 -15.13 13.70
CA ALA B 106 -21.98 -13.88 13.40
C ALA B 106 -21.98 -12.88 14.56
N ILE B 107 -22.19 -13.36 15.78
CA ILE B 107 -22.26 -12.47 16.92
C ILE B 107 -21.08 -11.49 16.94
N ARG B 108 -19.89 -11.98 16.61
CA ARG B 108 -18.73 -11.10 16.50
C ARG B 108 -17.90 -11.40 15.25
N PRO B 109 -18.27 -10.78 14.12
CA PRO B 109 -17.65 -11.05 12.81
C PRO B 109 -16.37 -10.28 12.57
N THR B 110 -15.56 -10.77 11.63
CA THR B 110 -14.38 -10.03 11.19
C THR B 110 -14.32 -9.90 9.66
N SER B 111 -13.21 -9.37 9.17
CA SER B 111 -13.02 -9.13 7.75
C SER B 111 -12.90 -10.44 6.99
N GLU B 112 -12.07 -11.32 7.56
CA GLU B 112 -11.97 -12.71 7.11
C GLU B 112 -13.36 -13.27 6.83
N THR B 113 -14.24 -13.03 7.78
CA THR B 113 -15.56 -13.64 7.78
C THR B 113 -16.42 -13.13 6.61
N ILE B 114 -16.38 -11.83 6.35
CA ILE B 114 -17.00 -11.28 5.15
C ILE B 114 -16.43 -11.93 3.87
N MET B 115 -15.09 -11.98 3.82
CA MET B 115 -14.39 -12.62 2.70
C MET B 115 -14.97 -13.99 2.39
N TYR B 116 -14.96 -14.83 3.42
CA TYR B 116 -15.50 -16.18 3.29
C TYR B 116 -16.97 -16.13 2.85
N SER B 117 -17.73 -15.18 3.37
CA SER B 117 -19.11 -15.09 2.94
C SER B 117 -19.20 -14.80 1.43
N VAL B 118 -18.12 -14.27 0.85
CA VAL B 118 -18.11 -14.04 -0.60
C VAL B 118 -17.52 -15.19 -1.43
N PHE B 119 -16.61 -15.96 -0.82
CA PHE B 119 -15.83 -16.94 -1.58
C PHE B 119 -16.56 -17.99 -2.46
N PRO B 120 -17.68 -18.59 -1.98
CA PRO B 120 -18.43 -19.57 -2.79
C PRO B 120 -18.69 -19.15 -4.23
N LYS B 121 -18.77 -17.85 -4.44
CA LYS B 121 -19.03 -17.34 -5.77
C LYS B 121 -17.81 -17.57 -6.67
N TRP B 122 -16.65 -17.68 -6.04
CA TRP B 122 -15.43 -17.71 -6.82
C TRP B 122 -14.91 -19.10 -6.92
N ILE B 123 -15.61 -20.02 -6.29
CA ILE B 123 -15.11 -21.38 -6.20
C ILE B 123 -16.17 -22.37 -6.62
N ARG B 124 -16.13 -22.69 -7.90
CA ARG B 124 -16.98 -23.71 -8.47
C ARG B 124 -16.25 -25.04 -8.42
N SER B 125 -15.19 -25.20 -9.23
CA SER B 125 -14.51 -26.51 -9.35
C SER B 125 -13.07 -26.52 -8.84
N TYR B 126 -12.41 -27.66 -9.02
CA TYR B 126 -11.00 -27.82 -8.61
C TYR B 126 -10.06 -26.91 -9.41
N ARG B 127 -10.55 -26.44 -10.55
CA ARG B 127 -9.77 -25.55 -11.42
C ARG B 127 -9.67 -24.17 -10.79
N ASP B 128 -10.62 -23.84 -9.92
CA ASP B 128 -10.67 -22.54 -9.26
C ASP B 128 -9.74 -22.53 -8.03
N LEU B 129 -9.03 -23.63 -7.80
CA LEU B 129 -8.12 -23.73 -6.66
C LEU B 129 -6.68 -23.96 -7.13
N PRO B 130 -5.70 -23.49 -6.34
CA PRO B 130 -5.91 -22.79 -5.06
C PRO B 130 -6.34 -21.35 -5.28
N LEU B 131 -7.12 -20.79 -4.35
CA LEU B 131 -7.43 -19.35 -4.37
C LEU B 131 -6.52 -18.66 -3.36
N LYS B 132 -5.94 -17.52 -3.72
CA LYS B 132 -4.87 -16.95 -2.89
C LYS B 132 -4.86 -15.43 -2.85
N LEU B 133 -5.35 -14.87 -1.75
CA LEU B 133 -5.51 -13.43 -1.65
C LEU B 133 -4.66 -12.85 -0.54
N ASN B 134 -4.09 -11.68 -0.79
CA ASN B 134 -3.57 -10.87 0.28
C ASN B 134 -4.04 -9.43 0.13
N GLN B 135 -4.21 -8.74 1.24
CA GLN B 135 -4.36 -7.30 1.15
C GLN B 135 -3.72 -6.57 2.32
N TRP B 136 -3.24 -5.37 2.00
CA TRP B 136 -2.70 -4.42 2.97
C TRP B 136 -3.79 -3.45 3.46
N ASN B 137 -3.69 -3.06 4.73
CA ASN B 137 -4.73 -2.29 5.39
C ASN B 137 -4.23 -1.23 6.36
N THR B 138 -5.11 -0.25 6.61
CA THR B 138 -4.86 0.81 7.58
C THR B 138 -6.08 1.09 8.42
N VAL B 139 -5.95 0.99 9.75
CA VAL B 139 -7.09 1.33 10.61
C VAL B 139 -6.76 2.35 11.69
N VAL B 140 -7.62 3.35 11.80
CA VAL B 140 -7.43 4.40 12.80
C VAL B 140 -8.71 4.63 13.60
N ARG B 141 -8.83 3.94 14.72
CA ARG B 141 -9.94 4.20 15.62
C ARG B 141 -9.46 5.05 16.78
N TRP B 142 -10.42 5.50 17.59
CA TRP B 142 -10.13 6.28 18.76
C TRP B 142 -9.21 5.52 19.72
N GLU B 143 -8.03 6.07 19.98
CA GLU B 143 -6.98 5.36 20.70
C GLU B 143 -7.39 4.94 22.11
N PHE B 144 -6.82 3.82 22.55
CA PHE B 144 -7.01 3.29 23.91
C PHE B 144 -6.86 4.32 25.01
N LYS B 145 -7.54 4.08 26.12
CA LYS B 145 -7.36 4.91 27.31
C LYS B 145 -5.88 4.89 27.69
N GLN B 146 -5.35 3.70 27.95
CA GLN B 146 -3.93 3.54 28.27
C GLN B 146 -3.18 2.79 27.15
N PRO B 147 -2.69 3.53 26.13
CA PRO B 147 -2.10 2.97 24.91
C PRO B 147 -0.65 2.52 25.05
N THR B 148 -0.18 1.83 24.02
CA THR B 148 1.21 1.38 23.89
C THR B 148 1.48 1.23 22.41
N PRO B 149 2.00 2.30 21.79
CA PRO B 149 1.97 2.40 20.33
C PRO B 149 2.74 1.28 19.66
N PHE B 150 2.15 0.76 18.58
CA PHE B 150 2.64 -0.38 17.82
C PHE B 150 2.47 -1.70 18.57
N ILE B 151 2.06 -1.63 19.83
CA ILE B 151 1.97 -2.85 20.63
C ILE B 151 0.57 -3.06 21.17
N ARG B 152 0.04 -2.02 21.80
CA ARG B 152 -1.34 -2.01 22.22
C ARG B 152 -1.93 -0.69 21.76
N THR B 153 -2.51 -0.74 20.57
CA THR B 153 -3.01 0.46 19.90
C THR B 153 -4.18 0.07 19.01
N ARG B 154 -5.21 0.90 18.97
CA ARG B 154 -6.33 0.64 18.08
C ARG B 154 -6.02 1.19 16.69
N GLU B 155 -4.84 1.78 16.56
CA GLU B 155 -4.40 2.34 15.29
C GLU B 155 -3.19 1.59 14.75
N PHE B 156 -3.28 1.07 13.53
CA PHE B 156 -2.16 0.33 12.96
C PHE B 156 -2.31 0.01 11.47
N LEU B 157 -1.18 -0.36 10.86
CA LEU B 157 -1.16 -0.90 9.52
C LEU B 157 -1.01 -2.41 9.60
N TRP B 158 -1.59 -3.14 8.65
CA TRP B 158 -1.30 -4.57 8.62
C TRP B 158 -1.50 -5.23 7.27
N GLN B 159 -1.02 -6.45 7.17
CA GLN B 159 -1.22 -7.26 6.00
C GLN B 159 -1.98 -8.48 6.46
N GLU B 160 -3.02 -8.86 5.72
CA GLU B 160 -3.67 -10.14 5.96
C GLU B 160 -3.95 -10.89 4.66
N GLY B 161 -3.56 -12.16 4.66
CA GLY B 161 -3.76 -13.05 3.54
C GLY B 161 -4.59 -14.26 3.92
N HIS B 162 -5.26 -14.82 2.92
CA HIS B 162 -6.15 -15.96 3.08
C HIS B 162 -6.04 -16.84 1.85
N THR B 163 -6.14 -18.15 2.02
CA THR B 163 -6.13 -19.05 0.87
C THR B 163 -7.09 -20.21 1.00
N ALA B 164 -7.44 -20.77 -0.15
CA ALA B 164 -8.28 -21.94 -0.19
C ALA B 164 -7.61 -23.00 -1.05
N HIS B 165 -7.65 -24.25 -0.59
CA HIS B 165 -6.93 -25.32 -1.27
C HIS B 165 -7.75 -26.60 -1.41
N LYS B 166 -7.31 -27.45 -2.33
CA LYS B 166 -7.90 -28.76 -2.56
C LYS B 166 -7.52 -29.74 -1.44
N ASN B 167 -6.23 -29.93 -1.23
CA ASN B 167 -5.72 -30.87 -0.23
CA ASN B 167 -5.75 -30.86 -0.22
C ASN B 167 -5.15 -30.16 0.99
N GLU B 168 -5.23 -30.82 2.14
CA GLU B 168 -4.69 -30.30 3.39
C GLU B 168 -3.18 -30.02 3.29
N GLU B 169 -2.51 -30.77 2.43
CA GLU B 169 -1.06 -30.69 2.35
C GLU B 169 -0.66 -29.36 1.71
N GLU B 170 -1.29 -29.07 0.56
CA GLU B 170 -1.16 -27.79 -0.15
C GLU B 170 -1.19 -26.61 0.89
N ALA B 171 -2.33 -26.51 1.57
CA ALA B 171 -2.60 -25.52 2.62
C ALA B 171 -1.53 -25.46 3.73
N VAL B 172 -1.25 -26.59 4.37
CA VAL B 172 -0.25 -26.59 5.44
C VAL B 172 1.11 -26.08 4.98
N LYS B 173 1.55 -26.61 3.83
CA LYS B 173 2.83 -26.22 3.27
C LYS B 173 2.87 -24.73 3.08
N LEU B 174 1.80 -24.19 2.53
CA LEU B 174 1.74 -22.74 2.39
C LEU B 174 1.79 -21.99 3.75
N VAL B 175 1.10 -22.52 4.77
CA VAL B 175 1.16 -21.94 6.11
C VAL B 175 2.59 -21.81 6.60
N PHE B 176 3.37 -22.88 6.47
CA PHE B 176 4.74 -22.80 6.96
C PHE B 176 5.67 -22.00 6.06
N ASP B 177 5.37 -21.98 4.76
CA ASP B 177 6.05 -21.05 3.84
C ASP B 177 5.93 -19.62 4.38
N ILE B 178 4.68 -19.24 4.63
CA ILE B 178 4.39 -17.91 5.13
C ILE B 178 5.10 -17.69 6.47
N LEU B 179 5.08 -18.70 7.33
CA LEU B 179 5.75 -18.55 8.62
C LEU B 179 7.24 -18.23 8.45
N ASP B 180 7.89 -18.92 7.52
CA ASP B 180 9.30 -18.62 7.32
C ASP B 180 9.47 -17.22 6.75
N LEU B 181 8.52 -16.82 5.93
CA LEU B 181 8.59 -15.47 5.40
C LEU B 181 8.54 -14.46 6.53
N TYR B 182 7.72 -14.76 7.54
CA TYR B 182 7.62 -13.90 8.71
C TYR B 182 8.92 -13.87 9.48
N ARG B 183 9.53 -15.04 9.62
CA ARG B 183 10.87 -15.11 10.20
C ARG B 183 11.88 -14.24 9.44
N ARG B 184 11.83 -14.23 8.10
CA ARG B 184 12.81 -13.43 7.34
C ARG B 184 12.47 -11.96 7.40
N TRP B 185 11.18 -11.69 7.53
CA TRP B 185 10.63 -10.38 7.78
C TRP B 185 11.31 -9.82 8.99
N TYR B 186 11.35 -10.63 10.04
CA TYR B 186 11.90 -10.15 11.31
C TYR B 186 13.42 -10.13 11.35
N GLU B 187 14.03 -11.23 10.92
CA GLU B 187 15.44 -11.47 11.16
C GLU B 187 16.31 -10.82 10.10
N GLU B 188 15.94 -10.98 8.83
CA GLU B 188 16.71 -10.36 7.74
C GLU B 188 16.60 -8.85 7.75
N TYR B 189 15.36 -8.36 7.81
CA TYR B 189 15.11 -6.95 7.60
C TYR B 189 15.08 -6.08 8.84
N LEU B 190 14.75 -6.66 10.00
CA LEU B 190 14.61 -5.87 11.23
C LEU B 190 15.70 -6.23 12.22
N ALA B 191 16.51 -7.22 11.87
CA ALA B 191 17.50 -7.80 12.78
C ALA B 191 16.88 -8.10 14.14
N VAL B 192 15.75 -8.80 14.12
CA VAL B 192 15.12 -9.26 15.35
C VAL B 192 14.92 -10.77 15.27
N PRO B 193 15.52 -11.51 16.21
CA PRO B 193 15.42 -12.97 16.20
C PRO B 193 14.10 -13.48 16.78
N ILE B 194 13.42 -14.35 16.05
CA ILE B 194 12.22 -14.98 16.57
C ILE B 194 12.31 -16.49 16.60
N ILE B 195 11.36 -17.11 17.30
CA ILE B 195 11.26 -18.56 17.33
C ILE B 195 9.95 -19.00 16.71
N LYS B 196 10.05 -19.97 15.79
CA LYS B 196 8.85 -20.54 15.18
C LYS B 196 8.31 -21.62 16.07
N GLY B 197 7.02 -21.60 16.33
CA GLY B 197 6.37 -22.69 17.04
C GLY B 197 4.90 -22.85 16.67
N ILE B 198 4.27 -23.86 17.25
CA ILE B 198 2.84 -24.02 17.09
C ILE B 198 2.21 -23.58 18.38
N LYS B 199 1.19 -22.73 18.31
CA LYS B 199 0.51 -22.32 19.53
C LYS B 199 -0.23 -23.48 20.17
N SER B 200 -0.28 -23.41 21.51
CA SER B 200 -1.05 -24.31 22.35
C SER B 200 -2.51 -24.45 21.94
N GLU B 201 -3.18 -25.49 22.46
CA GLU B 201 -4.55 -25.77 22.04
C GLU B 201 -5.57 -24.82 22.66
N GLY B 202 -5.28 -24.34 23.86
CA GLY B 202 -6.13 -23.33 24.47
C GLY B 202 -5.58 -21.95 24.19
N GLU B 203 -4.68 -21.86 23.22
CA GLU B 203 -4.09 -20.59 22.81
C GLU B 203 -4.36 -20.34 21.33
N LYS B 204 -4.66 -21.40 20.60
CA LYS B 204 -4.86 -21.35 19.15
C LYS B 204 -6.05 -20.44 18.77
N PHE B 205 -6.04 -19.91 17.54
CA PHE B 205 -7.18 -19.15 17.02
C PHE B 205 -8.49 -19.93 17.01
N GLY B 206 -9.57 -19.28 17.44
CA GLY B 206 -10.89 -19.89 17.45
C GLY B 206 -11.46 -20.07 16.05
N GLY B 207 -11.15 -21.21 15.45
CA GLY B 207 -11.60 -21.52 14.11
C GLY B 207 -10.52 -22.24 13.31
N ALA B 208 -9.33 -22.32 13.91
CA ALA B 208 -8.19 -22.93 13.23
C ALA B 208 -8.02 -24.39 13.60
N ASN B 209 -7.57 -25.18 12.63
CA ASN B 209 -7.07 -26.49 12.93
C ASN B 209 -5.87 -26.28 13.88
N PHE B 210 -4.81 -25.65 13.38
CA PHE B 210 -3.72 -25.20 14.26
C PHE B 210 -3.18 -23.82 13.88
N THR B 211 -2.55 -23.19 14.86
CA THR B 211 -1.91 -21.88 14.67
C THR B 211 -0.40 -21.90 14.87
N SER B 212 0.36 -21.56 13.83
CA SER B 212 1.81 -21.42 14.02
C SER B 212 2.10 -19.95 14.26
N THR B 213 3.11 -19.68 15.07
CA THR B 213 3.45 -18.32 15.46
C THR B 213 4.94 -18.08 15.43
N ALA B 214 5.29 -16.83 15.10
CA ALA B 214 6.64 -16.31 15.28
C ALA B 214 6.68 -15.61 16.63
N GLU B 215 7.49 -16.06 17.57
CA GLU B 215 7.51 -15.38 18.86
C GLU B 215 8.79 -14.61 19.08
N ALA B 216 8.66 -13.41 19.63
CA ALA B 216 9.82 -12.63 20.03
C ALA B 216 9.82 -12.41 21.54
N PHE B 217 10.97 -12.02 22.07
CA PHE B 217 11.08 -11.83 23.50
C PHE B 217 11.82 -10.55 23.87
N ILE B 218 11.11 -9.64 24.51
CA ILE B 218 11.78 -8.49 25.08
C ILE B 218 12.37 -8.86 26.42
N SER B 219 13.70 -8.71 26.49
CA SER B 219 14.50 -9.12 27.63
C SER B 219 14.41 -8.15 28.80
N GLU B 220 14.75 -6.88 28.57
CA GLU B 220 14.77 -5.86 29.63
C GLU B 220 13.46 -5.84 30.45
N ASN B 221 12.41 -6.40 29.86
CA ASN B 221 11.06 -6.27 30.36
C ASN B 221 10.50 -7.65 30.75
N GLY B 222 11.20 -8.69 30.32
CA GLY B 222 10.86 -10.06 30.67
C GLY B 222 9.63 -10.62 29.98
N ARG B 223 9.14 -9.96 28.92
CA ARG B 223 7.88 -10.38 28.31
C ARG B 223 8.01 -10.73 26.86
N ALA B 224 7.38 -11.85 26.49
CA ALA B 224 7.35 -12.31 25.11
C ALA B 224 6.15 -11.75 24.43
N ILE B 225 6.15 -11.84 23.11
CA ILE B 225 5.12 -11.24 22.28
C ILE B 225 5.02 -11.92 20.92
N GLN B 226 3.77 -12.11 20.49
CA GLN B 226 3.47 -12.65 19.18
C GLN B 226 3.87 -11.67 18.09
N ALA B 227 4.79 -12.10 17.24
CA ALA B 227 5.34 -11.25 16.18
C ALA B 227 4.52 -11.38 14.91
N ALA B 228 4.24 -12.62 14.54
CA ALA B 228 3.40 -12.89 13.37
C ALA B 228 2.57 -14.12 13.59
N THR B 229 1.72 -14.43 12.62
CA THR B 229 0.75 -15.51 12.77
C THR B 229 0.42 -16.16 11.44
N SER B 230 0.32 -17.48 11.45
CA SER B 230 -0.01 -18.24 10.24
C SER B 230 -0.87 -19.45 10.59
N HIS B 231 -2.19 -19.28 10.51
CA HIS B 231 -3.14 -20.36 10.82
C HIS B 231 -3.36 -21.37 9.71
N TYR B 232 -3.49 -22.63 10.07
CA TYR B 232 -4.15 -23.56 9.17
C TYR B 232 -5.58 -23.83 9.67
N LEU B 233 -6.57 -23.61 8.82
CA LEU B 233 -7.98 -23.61 9.23
C LEU B 233 -8.71 -24.90 8.90
N GLY B 234 -8.11 -25.73 8.07
CA GLY B 234 -8.77 -26.92 7.57
C GLY B 234 -10.06 -26.57 6.85
N THR B 235 -11.13 -27.25 7.26
CA THR B 235 -12.44 -27.12 6.61
C THR B 235 -13.51 -26.58 7.52
N ASN B 236 -13.15 -25.87 8.57
CA ASN B 236 -14.13 -25.46 9.57
C ASN B 236 -15.00 -24.32 9.04
N PHE B 237 -14.33 -23.30 8.52
CA PHE B 237 -15.02 -22.18 7.88
C PHE B 237 -15.64 -22.59 6.56
N ALA B 238 -15.05 -23.60 5.89
CA ALA B 238 -15.60 -24.12 4.66
C ALA B 238 -16.95 -24.75 4.93
N LYS B 239 -17.00 -25.63 5.94
CA LYS B 239 -18.26 -26.23 6.42
C LYS B 239 -19.27 -25.17 6.87
N MET B 240 -18.79 -24.16 7.58
CA MET B 240 -19.68 -23.12 8.06
C MET B 240 -20.33 -22.29 6.94
N PHE B 241 -19.53 -21.88 5.95
CA PHE B 241 -20.02 -21.04 4.87
C PHE B 241 -20.36 -21.81 3.61
N LYS B 242 -20.24 -23.13 3.67
CA LYS B 242 -20.43 -23.98 2.50
C LYS B 242 -19.54 -23.56 1.34
N ILE B 243 -18.22 -23.65 1.50
CA ILE B 243 -17.31 -23.33 0.40
C ILE B 243 -16.78 -24.66 -0.17
N GLU B 244 -17.51 -25.15 -1.16
CA GLU B 244 -17.27 -26.46 -1.74
C GLU B 244 -16.97 -26.36 -3.22
N PHE B 245 -16.24 -27.36 -3.72
CA PHE B 245 -15.90 -27.43 -5.11
C PHE B 245 -16.06 -28.83 -5.61
N GLU B 246 -16.44 -28.95 -6.87
CA GLU B 246 -16.41 -30.25 -7.50
C GLU B 246 -14.96 -30.63 -7.79
N ASP B 247 -14.58 -31.83 -7.37
CA ASP B 247 -13.24 -32.31 -7.65
C ASP B 247 -13.16 -32.96 -9.05
N GLU B 248 -12.04 -33.61 -9.32
CA GLU B 248 -11.80 -34.29 -10.59
C GLU B 248 -12.89 -35.32 -10.92
N ASN B 249 -13.55 -35.86 -9.89
CA ASN B 249 -14.59 -36.87 -10.06
C ASN B 249 -16.00 -36.36 -9.81
N GLU B 250 -16.18 -35.04 -9.91
CA GLU B 250 -17.50 -34.44 -9.75
C GLU B 250 -18.14 -34.76 -8.40
N VAL B 251 -17.33 -34.95 -7.37
CA VAL B 251 -17.89 -35.05 -6.05
C VAL B 251 -17.55 -33.77 -5.27
N LYS B 252 -18.52 -33.27 -4.50
CA LYS B 252 -18.37 -32.00 -3.79
C LYS B 252 -17.42 -32.15 -2.63
N GLN B 253 -16.59 -31.13 -2.40
CA GLN B 253 -15.51 -31.20 -1.40
C GLN B 253 -15.29 -29.84 -0.74
N TYR B 254 -15.00 -29.87 0.57
CA TYR B 254 -14.78 -28.65 1.34
C TYR B 254 -13.37 -28.13 1.19
N VAL B 255 -13.23 -26.81 1.10
CA VAL B 255 -11.89 -26.28 0.93
C VAL B 255 -11.09 -26.26 2.20
N HIS B 256 -9.84 -25.99 1.96
CA HIS B 256 -8.75 -26.23 2.86
C HIS B 256 -8.00 -24.95 3.01
N GLN B 257 -8.49 -24.18 3.99
CA GLN B 257 -8.18 -22.77 4.14
C GLN B 257 -7.01 -22.44 5.04
N THR B 258 -6.33 -21.35 4.69
CA THR B 258 -5.34 -20.79 5.59
C THR B 258 -5.52 -19.28 5.67
N SER B 259 -4.79 -18.69 6.60
CA SER B 259 -4.95 -17.30 6.95
C SER B 259 -3.73 -16.89 7.74
N TRP B 260 -3.10 -15.80 7.34
CA TRP B 260 -1.93 -15.30 8.04
C TRP B 260 -1.91 -13.79 8.00
N GLY B 261 -1.16 -13.18 8.91
CA GLY B 261 -1.11 -11.73 8.96
C GLY B 261 0.07 -11.22 9.77
N CYS B 262 0.56 -10.04 9.41
CA CYS B 262 1.56 -9.39 10.26
C CYS B 262 1.25 -7.89 10.34
N THR B 263 1.76 -7.25 11.38
CA THR B 263 1.30 -5.91 11.75
C THR B 263 2.48 -4.95 11.95
N THR B 264 2.17 -3.66 11.89
CA THR B 264 3.11 -2.60 12.22
C THR B 264 3.69 -2.77 13.64
N ARG B 265 3.07 -3.69 14.38
CA ARG B 265 3.59 -4.25 15.61
C ARG B 265 5.07 -4.51 15.55
N SER B 266 5.51 -5.14 14.46
CA SER B 266 6.93 -5.45 14.23
C SER B 266 7.81 -4.24 14.50
N ILE B 267 7.39 -3.07 14.03
CA ILE B 267 8.15 -1.85 14.31
C ILE B 267 8.37 -1.67 15.80
N GLY B 268 7.28 -1.65 16.55
CA GLY B 268 7.33 -1.65 18.00
C GLY B 268 8.33 -2.64 18.56
N ILE B 269 8.34 -3.85 18.00
CA ILE B 269 9.24 -4.88 18.48
C ILE B 269 10.66 -4.44 18.21
N MET B 270 10.91 -4.06 16.96
CA MET B 270 12.27 -3.78 16.52
C MET B 270 12.91 -2.74 17.41
N ILE B 271 12.21 -1.62 17.59
CA ILE B 271 12.67 -0.57 18.49
C ILE B 271 13.04 -1.19 19.84
N MET B 272 12.09 -1.89 20.44
CA MET B 272 12.29 -2.45 21.76
C MET B 272 13.52 -3.34 21.80
N THR B 273 13.85 -3.95 20.66
CA THR B 273 14.99 -4.86 20.58
C THR B 273 16.36 -4.16 20.49
N HIS B 274 16.42 -2.99 19.88
CA HIS B 274 17.72 -2.37 19.62
C HIS B 274 17.91 -1.02 20.35
N GLY B 275 16.84 -0.54 20.96
CA GLY B 275 16.82 0.77 21.60
C GLY B 275 17.89 0.99 22.65
N ASP B 276 18.66 2.05 22.44
CA ASP B 276 19.70 2.51 23.38
C ASP B 276 19.11 3.41 24.47
N ASP B 277 19.94 3.78 25.43
CA ASP B 277 19.60 4.90 26.32
C ASP B 277 19.87 6.20 25.58
N LYS B 278 20.58 6.10 24.45
CA LYS B 278 20.90 7.24 23.61
C LYS B 278 19.72 7.54 22.66
N GLY B 279 18.86 6.54 22.49
CA GLY B 279 17.67 6.70 21.68
C GLY B 279 17.45 5.56 20.70
N LEU B 280 16.76 5.86 19.61
CA LEU B 280 16.47 4.86 18.57
C LEU B 280 17.74 4.26 17.94
N VAL B 281 17.69 2.99 17.56
CA VAL B 281 18.77 2.30 16.85
C VAL B 281 18.24 1.39 15.73
N LEU B 282 18.57 1.71 14.48
CA LEU B 282 17.99 0.98 13.34
C LEU B 282 19.01 0.17 12.57
N PRO B 283 18.66 -1.07 12.21
CA PRO B 283 19.43 -1.82 11.20
C PRO B 283 19.44 -1.01 9.92
N PRO B 284 20.62 -0.80 9.31
CA PRO B 284 20.79 0.19 8.23
C PRO B 284 19.84 0.01 7.06
N ASN B 285 19.30 -1.20 6.89
CA ASN B 285 18.31 -1.48 5.86
C ASN B 285 17.20 -0.45 5.90
N VAL B 286 16.69 -0.23 7.10
CA VAL B 286 15.44 0.50 7.30
C VAL B 286 15.62 1.93 7.79
N SER B 287 16.83 2.47 7.65
CA SER B 287 17.05 3.89 7.92
C SER B 287 17.30 4.62 6.60
N LYS B 288 16.57 5.70 6.37
CA LYS B 288 16.64 6.47 5.13
C LYS B 288 18.05 7.03 4.90
N TYR B 289 18.48 7.91 5.81
CA TYR B 289 19.87 8.35 5.84
C TYR B 289 20.76 7.29 6.51
N LYS B 290 21.78 6.85 5.78
CA LYS B 290 22.67 5.83 6.27
C LYS B 290 23.82 6.45 7.05
N VAL B 291 24.21 7.65 6.64
CA VAL B 291 25.33 8.35 7.24
C VAL B 291 25.01 9.80 7.53
N VAL B 292 25.37 10.25 8.74
CA VAL B 292 25.35 11.67 9.05
C VAL B 292 26.79 12.19 9.11
N ILE B 293 27.03 13.38 8.59
CA ILE B 293 28.36 13.97 8.65
C ILE B 293 28.35 15.25 9.50
N VAL B 294 29.27 15.30 10.47
CA VAL B 294 29.40 16.44 11.37
C VAL B 294 30.80 17.06 11.30
N PRO B 295 30.85 18.38 11.05
CA PRO B 295 32.06 19.19 11.09
C PRO B 295 32.37 19.72 12.50
N ILE B 296 33.65 19.70 12.85
CA ILE B 296 34.15 20.04 14.17
C ILE B 296 35.24 21.09 14.10
N PHE B 297 34.95 22.29 14.58
CA PHE B 297 35.94 23.35 14.65
C PHE B 297 35.39 24.54 15.42
N TYR B 298 36.29 25.42 15.85
CA TYR B 298 35.91 26.69 16.45
C TYR B 298 36.62 27.81 15.71
N LYS B 299 37.74 27.46 15.07
CA LYS B 299 38.56 28.43 14.36
C LYS B 299 38.03 28.67 12.95
N THR B 300 37.71 29.92 12.66
CA THR B 300 37.09 30.31 11.41
C THR B 300 38.01 30.10 10.21
N THR B 301 39.31 30.22 10.43
CA THR B 301 40.32 29.94 9.42
C THR B 301 40.13 28.60 8.70
N ASP B 302 39.75 27.59 9.49
CA ASP B 302 39.57 26.25 8.97
C ASP B 302 38.22 26.11 8.29
N GLU B 303 37.28 26.96 8.70
CA GLU B 303 35.86 26.79 8.38
C GLU B 303 35.48 26.51 6.92
N ASN B 304 35.72 27.47 6.03
CA ASN B 304 35.48 27.28 4.60
C ASN B 304 36.16 26.03 4.02
N ALA B 305 37.28 25.63 4.64
CA ALA B 305 38.09 24.53 4.12
C ALA B 305 37.67 23.15 4.66
N ILE B 306 36.94 23.13 5.77
CA ILE B 306 36.38 21.91 6.35
C ILE B 306 35.15 21.57 5.51
N HIS B 307 34.37 22.60 5.18
CA HIS B 307 33.08 22.44 4.51
C HIS B 307 33.28 21.74 3.18
N SER B 308 34.36 22.12 2.49
CA SER B 308 34.75 21.44 1.28
C SER B 308 34.93 19.95 1.55
N TYR B 309 35.82 19.61 2.50
CA TYR B 309 36.14 18.23 2.85
C TYR B 309 34.88 17.42 3.00
N CYS B 310 34.04 17.84 3.96
CA CYS B 310 32.72 17.29 4.17
C CYS B 310 31.95 17.10 2.86
N LYS B 311 31.75 18.22 2.15
CA LYS B 311 31.07 18.19 0.86
C LYS B 311 31.60 17.06 -0.02
N ASP B 312 32.93 16.94 -0.11
CA ASP B 312 33.53 15.93 -0.99
C ASP B 312 33.02 14.57 -0.59
N ILE B 313 33.14 14.30 0.70
CA ILE B 313 32.69 13.03 1.26
C ILE B 313 31.20 12.86 0.96
N GLU B 314 30.43 13.92 1.21
CA GLU B 314 28.99 13.87 0.89
C GLU B 314 28.89 13.31 -0.55
N LYS B 315 29.52 14.00 -1.49
CA LYS B 315 29.45 13.60 -2.88
C LYS B 315 29.83 12.14 -2.98
N ILE B 316 31.01 11.78 -2.47
CA ILE B 316 31.52 10.42 -2.59
C ILE B 316 30.48 9.38 -2.19
N LEU B 317 29.72 9.70 -1.16
CA LEU B 317 28.74 8.73 -0.67
C LEU B 317 27.46 8.82 -1.49
N LYS B 318 26.99 10.03 -1.75
CA LYS B 318 25.83 10.24 -2.59
C LYS B 318 26.01 9.61 -3.97
N ASN B 319 27.18 9.77 -4.57
CA ASN B 319 27.45 9.16 -5.87
C ASN B 319 27.19 7.65 -5.85
N ALA B 320 27.36 7.05 -4.67
CA ALA B 320 27.28 5.60 -4.56
C ALA B 320 25.95 5.13 -3.98
N GLN B 321 24.91 5.94 -4.19
CA GLN B 321 23.54 5.60 -3.77
C GLN B 321 23.48 5.32 -2.27
N ILE B 322 24.22 6.11 -1.50
CA ILE B 322 24.17 6.02 -0.05
C ILE B 322 23.60 7.28 0.54
N ASN B 323 22.30 7.26 0.85
CA ASN B 323 21.65 8.46 1.34
C ASN B 323 22.37 9.01 2.58
N CYS B 324 22.74 10.30 2.50
CA CYS B 324 23.53 10.96 3.54
C CYS B 324 22.97 12.32 3.94
N VAL B 325 23.26 12.75 5.17
CA VAL B 325 22.96 14.13 5.54
C VAL B 325 24.27 14.80 5.96
N TYR B 326 24.40 16.08 5.66
CA TYR B 326 25.57 16.85 6.03
C TYR B 326 25.19 17.98 6.97
N ASP B 327 25.26 17.73 8.28
CA ASP B 327 24.78 18.71 9.23
C ASP B 327 25.80 19.79 9.45
N ASP B 328 25.63 20.94 8.82
CA ASP B 328 26.56 22.04 9.03
C ASP B 328 25.87 23.24 9.65
N ARG B 329 24.77 22.98 10.37
CA ARG B 329 24.09 24.01 11.13
C ARG B 329 25.08 24.77 12.02
N ALA B 330 25.26 26.05 11.72
CA ALA B 330 26.28 26.84 12.37
C ALA B 330 25.95 27.19 13.82
N SER B 331 24.69 27.06 14.22
CA SER B 331 24.31 27.48 15.58
C SER B 331 24.52 26.36 16.60
N TYR B 332 24.17 25.14 16.23
CA TYR B 332 24.16 24.02 17.17
C TYR B 332 25.55 23.48 17.44
N SER B 333 25.83 23.16 18.71
CA SER B 333 27.08 22.54 19.13
C SER B 333 27.21 21.14 18.56
N PRO B 334 28.44 20.63 18.43
CA PRO B 334 28.57 19.28 17.87
C PRO B 334 27.89 18.21 18.74
N GLY B 335 27.89 18.41 20.06
CA GLY B 335 27.26 17.47 20.98
C GLY B 335 25.76 17.40 20.74
N TYR B 336 25.16 18.56 20.55
CA TYR B 336 23.76 18.62 20.17
C TYR B 336 23.51 17.70 18.99
N LYS B 337 24.35 17.80 17.98
CA LYS B 337 24.16 17.05 16.76
C LYS B 337 24.35 15.55 16.98
N PHE B 338 25.40 15.19 17.71
CA PHE B 338 25.65 13.81 18.02
C PHE B 338 24.40 13.23 18.66
N ASN B 339 23.87 13.91 19.67
CA ASN B 339 22.68 13.44 20.36
CA ASN B 339 22.67 13.44 20.35
C ASN B 339 21.49 13.34 19.42
N HIS B 340 21.30 14.38 18.62
CA HIS B 340 20.17 14.48 17.71
C HIS B 340 20.12 13.32 16.74
N TRP B 341 21.25 13.04 16.10
CA TRP B 341 21.28 12.02 15.08
C TRP B 341 21.48 10.63 15.67
N GLU B 342 21.82 10.58 16.94
CA GLU B 342 21.90 9.29 17.59
C GLU B 342 20.48 8.94 17.98
N LEU B 343 19.70 9.98 18.22
CA LEU B 343 18.35 9.84 18.71
C LEU B 343 17.54 9.23 17.60
N ARG B 344 17.87 9.64 16.38
CA ARG B 344 17.21 9.20 15.15
C ARG B 344 17.79 7.89 14.58
N GLY B 345 18.64 7.21 15.32
CA GLY B 345 19.26 5.99 14.83
C GLY B 345 19.97 6.03 13.48
N ILE B 346 20.65 7.12 13.16
CA ILE B 346 21.51 7.18 11.96
C ILE B 346 22.69 6.26 12.18
N PRO B 347 22.73 5.13 11.45
CA PRO B 347 23.69 4.02 11.66
C PRO B 347 25.16 4.44 11.80
N ILE B 348 25.58 5.47 11.07
CA ILE B 348 26.98 5.90 11.11
C ILE B 348 27.13 7.43 11.20
N ARG B 349 28.07 7.88 12.04
CA ARG B 349 28.44 9.29 12.01
C ARG B 349 29.88 9.46 11.59
N ILE B 350 30.12 10.39 10.67
CA ILE B 350 31.49 10.74 10.33
C ILE B 350 31.85 12.11 10.89
N GLU B 351 32.88 12.14 11.73
CA GLU B 351 33.37 13.39 12.27
C GLU B 351 34.52 13.89 11.43
N VAL B 352 34.53 15.20 11.20
CA VAL B 352 35.66 15.86 10.53
C VAL B 352 36.16 17.06 11.30
N GLY B 353 37.40 17.01 11.76
CA GLY B 353 38.06 18.15 12.37
C GLY B 353 39.34 18.44 11.64
N PRO B 354 40.04 19.53 12.03
CA PRO B 354 41.35 19.90 11.48
C PRO B 354 42.36 18.76 11.38
N LYS B 355 42.43 17.88 12.39
CA LYS B 355 43.40 16.79 12.39
C LYS B 355 43.10 15.84 11.24
N ASP B 356 41.84 15.82 10.83
CA ASP B 356 41.40 14.99 9.72
C ASP B 356 41.77 15.61 8.38
N LEU B 357 41.79 16.94 8.31
CA LEU B 357 42.36 17.60 7.14
C LEU B 357 43.82 17.32 7.03
N GLN B 358 44.52 17.47 8.15
CA GLN B 358 45.96 17.33 8.16
C GLN B 358 46.35 15.93 7.76
N ASN B 359 45.75 14.94 8.41
CA ASN B 359 46.14 13.56 8.18
C ASN B 359 45.41 12.93 7.01
N ASN B 360 44.61 13.74 6.33
CA ASN B 360 43.80 13.27 5.20
C ASN B 360 42.90 12.10 5.61
N SER B 361 42.29 12.25 6.78
CA SER B 361 41.48 11.20 7.36
C SER B 361 40.11 11.72 7.78
N CYS B 362 39.41 10.93 8.57
CA CYS B 362 38.12 11.31 9.14
C CYS B 362 37.65 10.24 10.11
N VAL B 363 36.92 10.65 11.14
CA VAL B 363 36.54 9.69 12.16
C VAL B 363 35.21 9.05 11.79
N ILE B 364 35.09 7.76 12.03
CA ILE B 364 33.84 7.05 11.78
C ILE B 364 33.35 6.32 13.04
N VAL B 365 32.09 6.60 13.36
CA VAL B 365 31.46 6.18 14.60
C VAL B 365 30.23 5.29 14.35
N ARG B 366 30.36 4.01 14.71
CA ARG B 366 29.25 3.05 14.71
C ARG B 366 28.17 3.46 15.71
N ARG B 367 26.92 3.49 15.29
CA ARG B 367 25.85 3.85 16.22
C ARG B 367 25.59 2.75 17.24
N ASP B 368 25.67 1.50 16.81
CA ASP B 368 25.28 0.36 17.66
C ASP B 368 26.17 0.20 18.90
N ASN B 369 27.47 0.48 18.75
CA ASN B 369 28.40 0.33 19.87
C ASN B 369 29.30 1.54 20.09
N ASN B 370 28.98 2.65 19.45
CA ASN B 370 29.78 3.88 19.54
C ASN B 370 31.28 3.73 19.39
N GLU B 371 31.74 2.72 18.67
CA GLU B 371 33.17 2.52 18.52
C GLU B 371 33.70 3.31 17.32
N LYS B 372 34.73 4.10 17.60
CA LYS B 372 35.29 5.01 16.62
C LYS B 372 36.51 4.43 15.93
N CYS B 373 36.83 4.98 14.76
CA CYS B 373 38.11 4.69 14.13
C CYS B 373 38.47 5.74 13.09
N ASN B 374 39.77 5.96 12.92
CA ASN B 374 40.26 6.89 11.91
C ASN B 374 40.23 6.23 10.54
N VAL B 375 39.97 7.01 9.48
CA VAL B 375 39.86 6.43 8.15
C VAL B 375 40.41 7.31 7.03
N LYS B 376 41.39 6.75 6.31
CA LYS B 376 41.89 7.28 5.05
C LYS B 376 40.74 7.77 4.18
N LYS B 377 40.82 9.02 3.73
CA LYS B 377 39.66 9.66 3.11
C LYS B 377 39.24 8.98 1.79
N GLU B 378 40.10 8.17 1.21
CA GLU B 378 39.65 7.42 0.04
C GLU B 378 39.02 6.08 0.45
N SER B 379 39.56 5.46 1.49
CA SER B 379 39.02 4.19 1.96
C SER B 379 37.67 4.34 2.66
N VAL B 380 37.16 5.55 2.72
CA VAL B 380 35.90 5.83 3.38
C VAL B 380 34.76 4.97 2.86
N LEU B 381 34.51 5.05 1.55
CA LEU B 381 33.41 4.34 0.91
C LEU B 381 33.30 2.88 1.32
N LEU B 382 34.30 2.11 0.92
CA LEU B 382 34.31 0.68 1.12
C LEU B 382 34.03 0.35 2.58
N GLU B 383 34.88 0.92 3.44
CA GLU B 383 34.81 0.70 4.88
C GLU B 383 33.44 1.05 5.44
N THR B 384 32.78 2.00 4.80
CA THR B 384 31.46 2.45 5.24
C THR B 384 30.41 1.42 4.88
N GLN B 385 30.51 0.87 3.67
CA GLN B 385 29.62 -0.21 3.28
C GLN B 385 29.77 -1.39 4.23
N GLN B 386 31.01 -1.83 4.38
CA GLN B 386 31.31 -2.98 5.21
C GLN B 386 30.86 -2.74 6.65
N MET B 387 30.95 -1.48 7.08
CA MET B 387 30.53 -1.12 8.42
C MET B 387 29.01 -1.13 8.60
N LEU B 388 28.28 -0.73 7.57
CA LEU B 388 26.83 -0.85 7.63
C LEU B 388 26.45 -2.34 7.75
N VAL B 389 27.09 -3.16 6.92
CA VAL B 389 26.82 -4.60 6.96
C VAL B 389 27.09 -5.18 8.37
N ASP B 390 28.31 -4.97 8.88
CA ASP B 390 28.64 -5.50 10.20
C ASP B 390 27.76 -4.89 11.29
N ILE B 391 27.22 -3.71 11.06
CA ILE B 391 26.29 -3.14 12.03
C ILE B 391 25.02 -4.00 12.07
N HIS B 392 24.47 -4.30 10.89
CA HIS B 392 23.28 -5.15 10.83
C HIS B 392 23.55 -6.50 11.52
N LYS B 393 24.65 -7.14 11.10
CA LYS B 393 25.01 -8.45 11.64
C LYS B 393 25.19 -8.41 13.13
N ASN B 394 25.85 -7.37 13.62
CA ASN B 394 26.14 -7.25 15.02
C ASN B 394 24.85 -7.15 15.79
N LEU B 395 23.99 -6.22 15.35
CA LEU B 395 22.65 -6.06 15.93
C LEU B 395 21.92 -7.38 16.07
N PHE B 396 21.84 -8.12 14.97
CA PHE B 396 21.21 -9.43 15.06
C PHE B 396 21.88 -10.32 16.08
N LEU B 397 23.20 -10.48 15.97
CA LEU B 397 23.99 -11.31 16.85
C LEU B 397 23.67 -11.03 18.32
N LYS B 398 23.73 -9.76 18.69
CA LYS B 398 23.43 -9.30 20.04
C LYS B 398 22.00 -9.59 20.48
N ALA B 399 21.03 -9.34 19.58
CA ALA B 399 19.62 -9.52 19.94
C ALA B 399 19.32 -11.01 20.12
N LYS B 400 20.00 -11.81 19.31
CA LYS B 400 19.94 -13.26 19.35
C LYS B 400 20.54 -13.81 20.65
N LYS B 401 21.68 -13.29 21.06
CA LYS B 401 22.33 -13.82 22.26
C LYS B 401 21.56 -13.39 23.50
N LYS B 402 21.05 -12.16 23.48
CA LYS B 402 20.17 -11.69 24.55
C LYS B 402 18.96 -12.61 24.68
N LEU B 403 18.34 -12.90 23.53
CA LEU B 403 17.25 -13.86 23.44
C LEU B 403 17.58 -15.22 24.08
N ASP B 404 18.69 -15.81 23.66
CA ASP B 404 19.15 -17.06 24.24
C ASP B 404 19.26 -16.96 25.75
N ASP B 405 19.95 -15.93 26.21
CA ASP B 405 20.21 -15.74 27.63
C ASP B 405 18.97 -15.47 28.46
N SER B 406 17.84 -15.15 27.82
CA SER B 406 16.63 -15.15 28.64
C SER B 406 15.73 -16.40 28.45
N ILE B 407 16.18 -17.39 27.68
CA ILE B 407 15.47 -18.66 27.64
C ILE B 407 16.18 -19.77 28.43
N VAL B 408 15.52 -20.27 29.48
CA VAL B 408 16.11 -21.37 30.26
C VAL B 408 15.39 -22.69 30.02
N GLN B 409 16.15 -23.76 29.85
CA GLN B 409 15.57 -25.09 29.79
C GLN B 409 15.51 -25.70 31.19
N VAL B 410 14.29 -26.00 31.64
CA VAL B 410 14.08 -26.56 32.98
C VAL B 410 13.02 -27.65 32.97
N THR B 411 12.92 -28.39 34.07
CA THR B 411 12.08 -29.60 34.15
C THR B 411 11.15 -29.69 35.35
N SER B 412 11.42 -28.94 36.41
CA SER B 412 10.56 -29.06 37.58
C SER B 412 9.78 -27.78 37.77
N PHE B 413 8.81 -27.81 38.67
CA PHE B 413 7.99 -26.64 38.89
C PHE B 413 8.76 -25.50 39.54
N SER B 414 9.59 -25.82 40.53
CA SER B 414 10.33 -24.79 41.25
C SER B 414 11.36 -24.14 40.36
N GLU B 415 12.06 -24.95 39.57
CA GLU B 415 13.02 -24.45 38.58
C GLU B 415 12.33 -23.41 37.72
N VAL B 416 11.12 -23.76 37.29
CA VAL B 416 10.28 -22.90 36.48
C VAL B 416 10.01 -21.58 37.19
N MET B 417 9.27 -21.65 38.29
CA MET B 417 8.90 -20.45 39.03
C MET B 417 10.08 -19.55 39.31
N ASN B 418 11.17 -20.12 39.80
CA ASN B 418 12.40 -19.37 40.03
C ASN B 418 12.87 -18.69 38.77
N ALA B 419 12.91 -19.45 37.69
CA ALA B 419 13.33 -18.92 36.42
C ALA B 419 12.43 -17.74 36.02
N LEU B 420 11.20 -17.71 36.53
CA LEU B 420 10.33 -16.62 36.09
C LEU B 420 10.44 -15.25 36.76
N ASN B 421 10.53 -15.09 38.07
CA ASN B 421 10.54 -13.68 38.46
C ASN B 421 12.01 -13.35 38.61
N LYS B 422 12.80 -14.04 37.78
CA LYS B 422 14.14 -13.64 37.32
C LYS B 422 14.00 -13.10 35.87
N LYS B 423 12.76 -12.81 35.49
CA LYS B 423 12.37 -12.26 34.16
C LYS B 423 12.85 -13.07 32.95
N LYS B 424 13.09 -14.36 33.15
CA LYS B 424 13.50 -15.23 32.07
C LYS B 424 12.26 -15.81 31.41
N MET B 425 12.42 -16.47 30.26
CA MET B 425 11.31 -17.24 29.70
C MET B 425 11.75 -18.70 29.67
N VAL B 426 10.82 -19.60 30.00
CA VAL B 426 11.24 -20.97 30.23
C VAL B 426 10.81 -21.91 29.13
N LEU B 427 11.46 -23.07 29.10
CA LEU B 427 11.16 -24.11 28.15
C LEU B 427 11.03 -25.42 28.92
N ALA B 428 9.79 -25.89 29.06
CA ALA B 428 9.50 -26.97 29.98
C ALA B 428 8.79 -28.14 29.31
N PRO B 429 8.97 -29.36 29.85
CA PRO B 429 8.24 -30.52 29.34
C PRO B 429 6.74 -30.34 29.57
N TRP B 430 5.90 -30.83 28.67
CA TRP B 430 4.47 -30.56 28.84
C TRP B 430 3.49 -31.62 28.34
N CYS B 431 2.30 -31.64 28.95
CA CYS B 431 1.22 -32.57 28.62
C CYS B 431 0.53 -32.20 27.32
N GLU B 432 0.45 -30.89 27.07
CA GLU B 432 -0.34 -30.33 25.97
C GLU B 432 -1.83 -30.57 26.21
N ASP B 433 -2.19 -30.75 27.48
CA ASP B 433 -3.58 -30.86 27.89
C ASP B 433 -4.16 -29.47 28.10
N ILE B 434 -5.19 -29.13 27.32
CA ILE B 434 -5.81 -27.79 27.35
C ILE B 434 -6.50 -27.54 28.70
N ALA B 435 -6.88 -28.63 29.36
CA ALA B 435 -7.42 -28.56 30.71
C ALA B 435 -6.47 -27.77 31.62
N THR B 436 -5.23 -28.27 31.72
CA THR B 436 -4.25 -27.77 32.66
C THR B 436 -3.97 -26.26 32.57
N GLU B 437 -4.14 -25.67 31.38
CA GLU B 437 -3.45 -24.39 31.10
C GLU B 437 -3.92 -23.17 31.88
N GLU B 438 -5.23 -22.99 32.07
CA GLU B 438 -5.68 -21.78 32.74
C GLU B 438 -5.45 -21.94 34.23
N GLU B 439 -5.42 -23.19 34.68
CA GLU B 439 -5.01 -23.49 36.04
C GLU B 439 -3.55 -23.09 36.22
N ILE B 440 -2.71 -23.45 35.25
CA ILE B 440 -1.31 -23.03 35.24
C ILE B 440 -1.25 -21.51 35.36
N LYS B 441 -1.97 -20.84 34.47
CA LYS B 441 -1.96 -19.38 34.42
C LYS B 441 -2.29 -18.76 35.75
N LYS B 442 -3.39 -19.18 36.35
CA LYS B 442 -3.87 -18.51 37.55
C LYS B 442 -3.10 -18.91 38.82
N GLU B 443 -2.62 -20.16 38.89
CA GLU B 443 -1.81 -20.53 40.04
C GLU B 443 -0.49 -19.78 40.00
N THR B 444 0.10 -19.72 38.82
CA THR B 444 1.37 -19.01 38.64
C THR B 444 1.23 -17.51 38.87
N GLN B 445 0.09 -16.93 38.47
CA GLN B 445 -0.15 -15.52 38.76
C GLN B 445 -0.34 -15.32 40.26
N ARG B 446 -0.92 -16.31 40.93
CA ARG B 446 -1.22 -16.20 42.35
C ARG B 446 0.00 -16.40 43.25
N LEU B 447 1.00 -17.10 42.73
CA LEU B 447 2.21 -17.42 43.49
C LEU B 447 3.21 -16.27 43.44
N SER B 448 3.04 -15.38 42.46
CA SER B 448 3.93 -14.24 42.26
C SER B 448 3.29 -12.95 42.77
N LEU B 449 4.10 -12.01 43.28
CA LEU B 449 5.55 -12.18 43.42
C LEU B 449 6.02 -11.68 44.78
N THR B 457 -0.83 -3.42 35.04
CA THR B 457 -0.56 -2.58 33.88
C THR B 457 -1.68 -2.69 32.83
N LEU B 458 -1.60 -3.72 31.98
CA LEU B 458 -2.69 -4.08 31.07
C LEU B 458 -2.62 -5.61 30.87
N SER B 459 -1.84 -6.23 31.76
CA SER B 459 -1.50 -7.66 31.75
C SER B 459 -0.50 -7.83 32.89
N GLY B 460 -0.31 -9.02 33.44
CA GLY B 460 -1.01 -10.24 33.09
C GLY B 460 -0.45 -11.41 33.89
N ALA B 461 -0.85 -12.62 33.51
CA ALA B 461 -0.39 -13.86 34.17
C ALA B 461 0.72 -14.54 33.38
N MET B 462 0.93 -15.83 33.63
CA MET B 462 1.86 -16.63 32.81
C MET B 462 1.14 -17.52 31.81
N LYS B 463 1.43 -17.34 30.54
CA LYS B 463 0.82 -18.17 29.51
C LYS B 463 1.84 -19.14 28.92
N PRO B 464 1.36 -20.25 28.34
CA PRO B 464 2.16 -21.04 27.41
C PRO B 464 2.23 -20.28 26.11
N LEU B 465 3.43 -20.10 25.57
CA LEU B 465 3.53 -19.26 24.39
C LEU B 465 3.39 -20.12 23.15
N CYS B 466 4.41 -20.88 22.81
CA CYS B 466 4.25 -21.86 21.77
C CYS B 466 5.15 -23.06 21.98
N ILE B 467 4.78 -24.16 21.35
CA ILE B 467 5.64 -25.33 21.23
C ILE B 467 6.52 -25.23 19.98
N PRO B 468 7.78 -24.82 20.16
CA PRO B 468 8.73 -24.67 19.05
C PRO B 468 8.75 -25.85 18.10
N LEU B 469 8.99 -25.57 16.82
CA LEU B 469 9.20 -26.63 15.84
C LEU B 469 10.57 -27.26 16.04
N ASP B 470 11.52 -26.46 16.50
CA ASP B 470 12.88 -26.93 16.78
C ASP B 470 12.90 -27.56 18.16
N GLN B 471 12.62 -28.85 18.20
CA GLN B 471 12.53 -29.57 19.47
C GLN B 471 13.86 -30.17 19.90
N PRO B 472 14.23 -29.96 21.17
CA PRO B 472 15.35 -30.71 21.73
C PRO B 472 14.94 -32.16 21.94
N PRO B 473 15.93 -33.04 22.17
CA PRO B 473 15.60 -34.43 22.52
C PRO B 473 14.70 -34.48 23.77
N MET B 474 13.62 -35.23 23.68
CA MET B 474 12.76 -35.49 24.83
C MET B 474 13.11 -36.84 25.43
N PRO B 475 13.83 -36.85 26.58
CA PRO B 475 14.21 -38.12 27.22
C PRO B 475 13.02 -39.06 27.34
N PRO B 476 13.24 -40.37 27.29
CA PRO B 476 12.09 -41.27 27.39
C PRO B 476 11.51 -41.23 28.79
N ASN B 477 12.26 -40.66 29.73
CA ASN B 477 12.01 -40.79 31.16
C ASN B 477 10.52 -40.75 31.53
N MET B 478 9.74 -39.65 31.40
CA MET B 478 10.11 -38.22 31.32
C MET B 478 8.84 -37.43 31.56
N LYS B 479 8.70 -36.93 32.77
CA LYS B 479 7.43 -36.39 33.19
C LYS B 479 7.28 -34.94 32.80
N CYS B 480 6.02 -34.53 32.60
CA CYS B 480 5.66 -33.13 32.51
C CYS B 480 6.05 -32.39 33.79
N PHE B 481 5.95 -31.06 33.79
CA PHE B 481 6.38 -30.32 34.97
C PHE B 481 5.22 -29.99 35.92
N TRP B 482 4.01 -29.98 35.37
CA TRP B 482 2.81 -29.59 36.13
C TRP B 482 2.00 -30.79 36.60
N SER B 483 1.62 -31.65 35.66
CA SER B 483 0.76 -32.79 35.96
C SER B 483 1.60 -33.98 36.37
N GLY B 484 2.81 -34.05 35.82
CA GLY B 484 3.66 -35.19 36.05
C GLY B 484 3.41 -36.30 35.06
N LYS B 485 2.36 -36.15 34.24
CA LYS B 485 2.09 -37.11 33.16
C LYS B 485 3.26 -37.16 32.20
N PRO B 486 3.38 -38.26 31.41
CA PRO B 486 4.44 -38.29 30.41
C PRO B 486 4.36 -37.06 29.53
N ALA B 487 5.48 -36.34 29.45
CA ALA B 487 5.56 -35.12 28.67
C ALA B 487 5.60 -35.47 27.19
N LYS B 488 4.75 -34.82 26.40
CA LYS B 488 4.75 -35.02 24.96
C LYS B 488 5.86 -34.22 24.29
N ARG B 489 5.87 -32.91 24.47
CA ARG B 489 6.93 -32.07 23.91
C ARG B 489 7.33 -30.90 24.81
N TRP B 490 8.49 -30.32 24.49
CA TRP B 490 8.97 -29.10 25.14
C TRP B 490 8.14 -27.92 24.67
N CYS B 491 7.83 -27.03 25.61
CA CYS B 491 6.99 -25.87 25.31
C CYS B 491 7.58 -24.60 25.92
N LEU B 492 7.32 -23.46 25.28
CA LEU B 492 7.79 -22.18 25.80
C LEU B 492 6.72 -21.57 26.69
N PHE B 493 7.13 -21.16 27.89
CA PHE B 493 6.24 -20.50 28.85
C PHE B 493 6.79 -19.14 29.31
N GLY B 494 5.87 -18.20 29.57
CA GLY B 494 6.23 -16.89 30.13
C GLY B 494 5.10 -15.85 30.13
N ARG B 495 5.40 -14.62 30.54
CA ARG B 495 4.43 -13.51 30.51
CA ARG B 495 4.40 -13.56 30.50
C ARG B 495 4.41 -12.86 29.13
N SER B 496 3.27 -12.29 28.73
CA SER B 496 3.14 -11.78 27.34
C SER B 496 2.56 -10.36 27.20
N TYR B 497 2.39 -9.94 25.94
CA TYR B 497 1.73 -8.68 25.65
C TYR B 497 0.32 -8.90 25.14
CL CL C . -27.29 9.48 -2.54
CL CL D . -27.55 9.51 -5.68
CL CL E . 15.10 18.68 -2.97
S SO4 F . -21.75 13.30 -0.80
O1 SO4 F . -22.57 13.87 0.27
O2 SO4 F . -21.22 12.03 -0.31
O3 SO4 F . -22.57 13.06 -1.99
O4 SO4 F . -20.65 14.19 -1.13
S SO4 G . 2.45 17.38 -22.85
O1 SO4 G . 1.38 18.22 -22.29
O2 SO4 G . 3.35 16.95 -21.77
O3 SO4 G . 1.86 16.21 -23.51
O4 SO4 G . 3.21 18.14 -23.86
S SO4 H . -7.56 -31.43 -37.29
O1 SO4 H . -6.98 -32.43 -36.40
O2 SO4 H . -7.00 -30.11 -36.99
O3 SO4 H . -9.01 -31.39 -37.08
O4 SO4 H . -7.28 -31.80 -38.68
S SO4 I . 3.83 -9.31 -12.72
O1 SO4 I . 3.13 -10.35 -11.96
O2 SO4 I . 5.26 -9.54 -12.64
O3 SO4 I . 3.51 -7.99 -12.17
O4 SO4 I . 3.39 -9.38 -14.12
S SO4 J . 7.58 10.19 -22.38
O1 SO4 J . 7.78 10.34 -20.93
O2 SO4 J . 8.29 8.99 -22.83
O3 SO4 J . 8.11 11.37 -23.07
O4 SO4 J . 6.16 10.04 -22.67
S SO4 K . -6.97 -1.14 -36.14
O1 SO4 K . -7.80 -1.21 -34.93
O2 SO4 K . -5.78 -1.99 -35.97
O3 SO4 K . -7.74 -1.61 -37.29
O4 SO4 K . -6.56 0.24 -36.38
CL CL L . -10.17 1.26 26.85
CL CL M . -7.07 1.41 27.99
CL CL N . -0.21 -22.14 -7.41
S SO4 O . -12.28 -29.75 -16.68
O1 SO4 O . -13.16 -30.21 -15.61
O2 SO4 O . -11.23 -30.76 -16.89
O3 SO4 O . -13.05 -29.52 -17.91
O4 SO4 O . -11.66 -28.49 -16.28
S SO4 P . 29.32 -4.79 20.71
O1 SO4 P . 28.71 -6.12 20.61
O2 SO4 P . 29.84 -4.60 22.06
O3 SO4 P . 30.40 -4.66 19.73
O4 SO4 P . 28.30 -3.78 20.46
S SO4 Q . 17.15 4.68 -0.51
O1 SO4 Q . 17.18 3.22 -0.55
O2 SO4 Q . 17.37 5.15 0.85
O3 SO4 Q . 15.85 5.15 -0.98
O4 SO4 Q . 18.20 5.24 -1.36
S SO4 R . -7.38 -14.47 43.32
O1 SO4 R . -8.43 -13.82 44.12
O2 SO4 R . -6.74 -15.50 44.11
O3 SO4 R . -7.97 -15.09 42.13
O4 SO4 R . -6.36 -13.50 42.91
S SO4 S . -30.79 -12.89 5.28
O1 SO4 S . -31.47 -12.73 6.57
O2 SO4 S . -29.54 -13.63 5.49
O3 SO4 S . -31.65 -13.61 4.35
O4 SO4 S . -30.51 -11.56 4.73
#